data_8CLQ
#
_entry.id   8CLQ
#
_cell.length_a   65.809
_cell.length_b   129.867
_cell.length_c   134.822
_cell.angle_alpha   90.00
_cell.angle_beta   90.00
_cell.angle_gamma   90.00
#
_symmetry.space_group_name_H-M   'P 21 21 21'
#
loop_
_entity.id
_entity.type
_entity.pdbx_description
1 polymer Hydrolase
2 non-polymer '2,4-dihydroxy-6-[(1E,10S)-10-hydroxy-6-oxoundec-1-en-1-yl]benzoic acid'
3 water water
#
_entity_poly.entity_id   1
_entity_poly.type   'polypeptide(L)'
_entity_poly.pdbx_seq_one_letter_code
;MVTSPALRDVHVPHAYPEQQVDLGEITMNYAEAGDPDRPAVLLIPEQTGSWWSYEEAMGLLSEHFHVYAVDLRGQGRSSW
TPKRYSLDNFGNDLVRFIALVVKRPVVVAGNSSGGVLAAWLSAYSMPGQLRGVLCEDPPFFASELVPAHGHSVRQGAGPV
FELFRTYLGDQWSVGDWEGFCRAAGASASPMARSFVADGIPQHLQEYDPEWARVFYEGTVGLSCPHERMLGQVKTPVLLT
HHMRGIDPETGNLLGALSDEQALRARRLMDSAGVTVDYESVPDASYMMHQSAPARYVEIFTRWAAALAPHHHHHH
;
_entity_poly.pdbx_strand_id   A,B,C,D
#
loop_
_chem_comp.id
_chem_comp.type
_chem_comp.name
_chem_comp.formula
ZGR non-polymer '2,4-dihydroxy-6-[(1E,10S)-10-hydroxy-6-oxoundec-1-en-1-yl]benzoic acid' 'C18 H24 O6'
#
# COMPACT_ATOMS: atom_id res chain seq x y z
N VAL A 10 -33.45 7.95 -6.22
CA VAL A 10 -33.61 9.12 -5.37
C VAL A 10 -33.71 10.40 -6.20
N HIS A 11 -33.63 10.26 -7.52
CA HIS A 11 -33.41 11.41 -8.39
C HIS A 11 -34.70 12.17 -8.63
N VAL A 12 -34.55 13.47 -8.90
CA VAL A 12 -35.68 14.41 -8.91
C VAL A 12 -35.58 15.26 -10.16
N PRO A 13 -36.68 15.93 -10.53
CA PRO A 13 -36.64 16.79 -11.73
C PRO A 13 -35.85 18.06 -11.47
N HIS A 14 -35.38 18.66 -12.57
CA HIS A 14 -34.58 19.87 -12.52
C HIS A 14 -35.02 20.80 -13.65
N ALA A 15 -34.38 21.97 -13.73
CA ALA A 15 -34.81 22.99 -14.68
C ALA A 15 -34.48 22.62 -16.13
N TYR A 16 -33.59 21.66 -16.34
CA TYR A 16 -33.20 21.28 -17.70
C TYR A 16 -33.47 19.80 -17.94
N PRO A 17 -33.88 19.42 -19.15
CA PRO A 17 -33.98 18.00 -19.47
C PRO A 17 -32.62 17.34 -19.40
N GLU A 18 -32.62 16.05 -19.06
CA GLU A 18 -31.40 15.28 -18.90
C GLU A 18 -31.25 14.28 -20.05
N GLN A 19 -29.99 14.05 -20.42
CA GLN A 19 -29.66 13.13 -21.50
C GLN A 19 -28.63 12.13 -20.99
N GLN A 20 -28.53 10.99 -21.68
CA GLN A 20 -27.58 9.95 -21.35
C GLN A 20 -26.85 9.50 -22.60
N VAL A 21 -25.57 9.19 -22.44
CA VAL A 21 -24.72 8.72 -23.53
C VAL A 21 -23.92 7.53 -23.04
N ASP A 22 -23.78 6.52 -23.90
CA ASP A 22 -22.97 5.35 -23.60
C ASP A 22 -21.52 5.66 -23.97
N LEU A 23 -20.65 5.72 -22.96
CA LEU A 23 -19.23 5.97 -23.17
C LEU A 23 -18.43 4.67 -23.32
N GLY A 24 -19.07 3.52 -23.15
CA GLY A 24 -18.39 2.25 -23.20
C GLY A 24 -18.55 1.48 -21.91
N GLU A 25 -17.68 1.76 -20.93
CA GLU A 25 -17.83 1.14 -19.61
C GLU A 25 -19.05 1.67 -18.89
N ILE A 26 -19.31 2.98 -19.00
CA ILE A 26 -20.36 3.64 -18.24
C ILE A 26 -21.35 4.34 -19.17
N THR A 27 -22.51 4.64 -18.60
CA THR A 27 -23.44 5.64 -19.14
C THR A 27 -23.22 6.93 -18.37
N MET A 28 -23.17 8.05 -19.09
CA MET A 28 -22.97 9.35 -18.46
C MET A 28 -24.23 10.18 -18.64
N ASN A 29 -24.77 10.67 -17.53
CA ASN A 29 -25.91 11.57 -17.53
C ASN A 29 -25.41 13.01 -17.62
N TYR A 30 -26.17 13.85 -18.33
CA TYR A 30 -25.78 15.25 -18.46
C TYR A 30 -26.98 16.09 -18.86
N ALA A 31 -26.79 17.42 -18.78
CA ALA A 31 -27.77 18.39 -19.22
C ALA A 31 -27.08 19.40 -20.14
N GLU A 32 -27.86 19.96 -21.07
CA GLU A 32 -27.35 20.79 -22.15
C GLU A 32 -28.19 22.06 -22.22
N ALA A 33 -27.53 23.19 -22.47
CA ALA A 33 -28.23 24.47 -22.47
C ALA A 33 -27.51 25.45 -23.38
N GLY A 34 -28.30 26.30 -24.04
CA GLY A 34 -27.76 27.35 -24.88
C GLY A 34 -27.89 27.03 -26.36
N ASP A 35 -27.40 27.96 -27.16
CA ASP A 35 -27.42 27.83 -28.62
C ASP A 35 -26.30 26.91 -29.07
N PRO A 36 -26.60 25.86 -29.85
CA PRO A 36 -25.52 24.96 -30.30
C PRO A 36 -24.54 25.59 -31.27
N ASP A 37 -24.75 26.84 -31.70
CA ASP A 37 -23.79 27.53 -32.54
C ASP A 37 -22.71 28.25 -31.75
N ARG A 38 -22.90 28.44 -30.44
CA ARG A 38 -22.00 29.23 -29.62
C ARG A 38 -20.86 28.35 -29.11
N PRO A 39 -19.81 28.95 -28.58
CA PRO A 39 -18.67 28.17 -28.08
C PRO A 39 -19.11 27.21 -26.97
N ALA A 40 -18.54 26.01 -27.01
CA ALA A 40 -18.93 24.95 -26.08
C ALA A 40 -18.22 25.08 -24.75
N VAL A 41 -18.94 24.79 -23.67
CA VAL A 41 -18.41 24.83 -22.31
C VAL A 41 -18.81 23.54 -21.62
N LEU A 42 -17.87 22.98 -20.84
CA LEU A 42 -18.11 21.77 -20.07
C LEU A 42 -17.89 22.07 -18.59
N LEU A 43 -18.87 21.74 -17.77
CA LEU A 43 -18.87 22.03 -16.34
C LEU A 43 -18.78 20.72 -15.56
N ILE A 44 -17.79 20.62 -14.68
CA ILE A 44 -17.52 19.42 -13.90
C ILE A 44 -17.77 19.73 -12.43
N PRO A 45 -18.63 18.99 -11.74
CA PRO A 45 -18.97 19.34 -10.36
C PRO A 45 -17.86 18.98 -9.38
N GLU A 46 -18.02 19.51 -8.16
CA GLU A 46 -17.25 19.11 -7.00
C GLU A 46 -17.62 17.69 -6.58
N GLN A 47 -16.81 17.11 -5.70
CA GLN A 47 -17.14 15.80 -5.14
C GLN A 47 -18.46 15.88 -4.37
N THR A 48 -19.30 14.86 -4.55
CA THR A 48 -20.68 14.74 -4.07
C THR A 48 -21.64 15.65 -4.83
N GLY A 49 -21.19 16.34 -5.87
CA GLY A 49 -22.05 17.22 -6.63
C GLY A 49 -22.46 16.59 -7.95
N SER A 50 -23.74 16.71 -8.28
CA SER A 50 -24.26 16.32 -9.58
C SER A 50 -24.20 17.52 -10.54
N TRP A 51 -24.51 17.25 -11.81
CA TRP A 51 -24.46 18.29 -12.82
C TRP A 51 -25.23 19.52 -12.40
N TRP A 52 -26.38 19.32 -11.74
CA TRP A 52 -27.23 20.42 -11.32
C TRP A 52 -26.64 21.23 -10.17
N SER A 53 -25.44 20.88 -9.71
CA SER A 53 -24.66 21.82 -8.90
C SER A 53 -24.54 23.15 -9.61
N TYR A 54 -24.60 23.15 -10.95
CA TYR A 54 -24.40 24.32 -11.78
C TYR A 54 -25.70 24.91 -12.31
N GLU A 55 -26.85 24.51 -11.75
CA GLU A 55 -28.12 24.82 -12.40
C GLU A 55 -28.28 26.31 -12.65
N GLU A 56 -28.03 27.13 -11.63
CA GLU A 56 -28.23 28.57 -11.78
C GLU A 56 -27.16 29.19 -12.68
N ALA A 57 -25.91 28.74 -12.56
CA ALA A 57 -24.86 29.25 -13.43
C ALA A 57 -25.10 28.89 -14.89
N MET A 58 -25.68 27.70 -15.15
CA MET A 58 -25.96 27.31 -16.52
C MET A 58 -26.91 28.29 -17.20
N GLY A 59 -27.94 28.73 -16.48
CA GLY A 59 -28.87 29.68 -17.06
C GLY A 59 -28.17 30.94 -17.54
N LEU A 60 -27.31 31.50 -16.70
CA LEU A 60 -26.58 32.70 -17.08
C LEU A 60 -25.63 32.43 -18.24
N LEU A 61 -24.85 31.35 -18.14
CA LEU A 61 -23.86 31.05 -19.18
C LEU A 61 -24.52 30.70 -20.51
N SER A 62 -25.71 30.08 -20.47
CA SER A 62 -26.35 29.63 -21.70
C SER A 62 -26.80 30.79 -22.60
N GLU A 63 -26.71 32.03 -22.12
CA GLU A 63 -27.03 33.16 -22.98
C GLU A 63 -25.94 33.44 -24.00
N HIS A 64 -24.69 33.02 -23.71
CA HIS A 64 -23.56 33.26 -24.58
C HIS A 64 -22.84 31.99 -25.02
N PHE A 65 -23.03 30.87 -24.33
CA PHE A 65 -22.26 29.66 -24.57
C PHE A 65 -23.19 28.47 -24.73
N HIS A 66 -22.68 27.44 -25.41
CA HIS A 66 -23.31 26.13 -25.47
C HIS A 66 -22.79 25.29 -24.31
N VAL A 67 -23.62 25.10 -23.28
CA VAL A 67 -23.16 24.62 -21.98
C VAL A 67 -23.56 23.16 -21.79
N TYR A 68 -22.60 22.37 -21.30
CA TYR A 68 -22.82 21.00 -20.87
C TYR A 68 -22.42 20.87 -19.41
N ALA A 69 -23.25 20.20 -18.61
CA ALA A 69 -22.92 19.87 -17.23
C ALA A 69 -23.13 18.38 -17.05
N VAL A 70 -22.17 17.70 -16.41
CA VAL A 70 -22.14 16.24 -16.40
C VAL A 70 -22.18 15.69 -14.98
N ASP A 71 -22.74 14.49 -14.85
CA ASP A 71 -22.56 13.62 -13.70
C ASP A 71 -21.34 12.73 -13.95
N LEU A 72 -20.33 12.80 -13.11
CA LEU A 72 -19.23 11.86 -13.20
C LEU A 72 -19.70 10.47 -12.75
N ARG A 73 -18.96 9.44 -13.16
CA ARG A 73 -19.22 8.10 -12.63
C ARG A 73 -19.20 8.14 -11.10
N GLY A 74 -20.04 7.32 -10.49
CA GLY A 74 -20.22 7.36 -9.05
C GLY A 74 -21.03 8.52 -8.55
N GLN A 75 -21.77 9.20 -9.41
CA GLN A 75 -22.55 10.36 -8.99
C GLN A 75 -23.80 10.50 -9.86
N ARG A 77 -26.95 10.32 -12.02
CA ARG A 77 -27.54 9.25 -12.80
C ARG A 77 -26.53 8.55 -13.71
N SER A 78 -25.24 8.84 -13.56
CA SER A 78 -24.22 8.10 -14.28
C SER A 78 -23.93 6.77 -13.56
N SER A 79 -23.29 5.87 -14.28
CA SER A 79 -23.02 4.54 -13.72
C SER A 79 -22.22 4.65 -12.43
N TRP A 80 -22.57 3.81 -11.46
CA TRP A 80 -21.70 3.51 -10.33
C TRP A 80 -20.81 2.32 -10.72
N THR A 81 -19.51 2.42 -10.41
CA THR A 81 -18.53 1.44 -10.86
C THR A 81 -17.65 1.05 -9.68
N PRO A 82 -18.05 0.05 -8.91
CA PRO A 82 -17.22 -0.38 -7.78
C PRO A 82 -15.81 -0.75 -8.22
N LYS A 83 -14.83 -0.31 -7.43
CA LYS A 83 -13.42 -0.64 -7.54
C LYS A 83 -12.73 0.03 -8.73
N ARG A 84 -13.40 0.97 -9.40
CA ARG A 84 -12.86 1.58 -10.61
C ARG A 84 -12.65 3.08 -10.51
N TYR A 85 -12.73 3.66 -9.31
CA TYR A 85 -12.67 5.12 -9.16
C TYR A 85 -11.22 5.57 -9.10
N SER A 86 -10.78 6.27 -10.14
CA SER A 86 -9.43 6.83 -10.22
C SER A 86 -9.48 8.10 -11.06
N LEU A 87 -8.51 8.99 -10.84
CA LEU A 87 -8.44 10.21 -11.64
C LEU A 87 -8.39 9.89 -13.12
N ASP A 88 -7.65 8.85 -13.50
CA ASP A 88 -7.53 8.51 -14.92
C ASP A 88 -8.82 7.95 -15.48
N ASN A 89 -9.60 7.23 -14.70
CA ASN A 89 -10.89 6.76 -15.20
C ASN A 89 -11.88 7.92 -15.27
N PHE A 90 -11.90 8.79 -14.26
CA PHE A 90 -12.70 10.02 -14.36
C PHE A 90 -12.31 10.82 -15.58
N GLY A 91 -11.00 11.05 -15.76
CA GLY A 91 -10.54 11.91 -16.83
C GLY A 91 -10.86 11.35 -18.20
N ASN A 92 -10.65 10.06 -18.39
CA ASN A 92 -10.89 9.48 -19.71
C ASN A 92 -12.38 9.39 -20.01
N ASP A 93 -13.24 9.26 -18.99
CA ASP A 93 -14.67 9.40 -19.21
C ASP A 93 -14.97 10.72 -19.90
N LEU A 94 -14.38 11.81 -19.39
CA LEU A 94 -14.64 13.14 -19.94
C LEU A 94 -14.06 13.28 -21.34
N VAL A 95 -12.87 12.71 -21.58
CA VAL A 95 -12.32 12.70 -22.93
C VAL A 95 -13.34 12.08 -23.89
N ARG A 96 -13.95 10.97 -23.47
CA ARG A 96 -14.94 10.30 -24.31
C ARG A 96 -16.19 11.14 -24.47
N PHE A 97 -16.61 11.85 -23.42
CA PHE A 97 -17.78 12.70 -23.54
C PHE A 97 -17.55 13.81 -24.55
N ILE A 98 -16.39 14.45 -24.50
CA ILE A 98 -16.07 15.51 -25.46
C ILE A 98 -16.08 14.94 -26.88
N ALA A 99 -15.49 13.75 -27.06
CA ALA A 99 -15.34 13.20 -28.40
C ALA A 99 -16.67 12.71 -28.97
N LEU A 100 -17.56 12.18 -28.13
CA LEU A 100 -18.79 11.57 -28.60
C LEU A 100 -19.99 12.51 -28.56
N VAL A 101 -19.98 13.51 -27.68
CA VAL A 101 -21.12 14.38 -27.46
C VAL A 101 -20.85 15.79 -27.96
N VAL A 102 -19.81 16.44 -27.42
CA VAL A 102 -19.56 17.84 -27.73
C VAL A 102 -19.06 17.97 -29.16
N LYS A 103 -18.07 17.15 -29.53
CA LYS A 103 -17.56 17.09 -30.91
C LYS A 103 -17.03 18.43 -31.39
N ARG A 104 -16.51 19.23 -30.46
CA ARG A 104 -15.93 20.52 -30.74
C ARG A 104 -14.98 20.87 -29.61
N PRO A 105 -14.01 21.75 -29.83
CA PRO A 105 -13.16 22.20 -28.72
C PRO A 105 -14.03 22.83 -27.64
N VAL A 106 -13.64 22.61 -26.38
CA VAL A 106 -14.43 23.07 -25.25
C VAL A 106 -13.57 23.91 -24.31
N VAL A 107 -14.22 24.85 -23.64
CA VAL A 107 -13.68 25.45 -22.42
C VAL A 107 -14.23 24.66 -21.24
N VAL A 108 -13.35 24.24 -20.34
CA VAL A 108 -13.71 23.37 -19.22
C VAL A 108 -13.56 24.13 -17.92
N ALA A 109 -14.61 24.11 -17.10
CA ALA A 109 -14.57 24.64 -15.75
C ALA A 109 -14.91 23.51 -14.78
N GLY A 110 -14.09 23.33 -13.76
CA GLY A 110 -14.33 22.31 -12.76
C GLY A 110 -14.12 22.83 -11.34
N ASN A 111 -14.97 22.40 -10.42
CA ASN A 111 -14.97 22.86 -9.04
C ASN A 111 -14.32 21.80 -8.16
N SER A 112 -13.24 22.19 -7.45
CA SER A 112 -12.52 21.34 -6.50
C SER A 112 -11.98 20.08 -7.19
N SER A 113 -12.49 18.89 -6.84
CA SER A 113 -12.01 17.71 -7.55
C SER A 113 -12.32 17.82 -9.04
N GLY A 114 -13.44 18.46 -9.39
CA GLY A 114 -13.72 18.75 -10.78
C GLY A 114 -12.68 19.64 -11.41
N GLY A 115 -12.09 20.54 -10.62
CA GLY A 115 -10.99 21.36 -11.11
C GLY A 115 -9.68 20.62 -11.23
N VAL A 116 -9.43 19.66 -10.33
CA VAL A 116 -8.35 18.72 -10.54
C VAL A 116 -8.51 18.02 -11.87
N LEU A 117 -9.74 17.61 -12.20
CA LEU A 117 -9.99 16.93 -13.46
C LEU A 117 -9.91 17.88 -14.65
N ALA A 118 -10.25 19.16 -14.46
CA ALA A 118 -10.06 20.13 -15.53
C ALA A 118 -8.58 20.25 -15.87
N ALA A 119 -7.71 20.28 -14.86
CA ALA A 119 -6.28 20.28 -15.10
C ALA A 119 -5.83 18.97 -15.75
N TRP A 120 -6.35 17.85 -15.25
CA TRP A 120 -6.09 16.57 -15.89
C TRP A 120 -6.34 16.66 -17.38
N LEU A 121 -7.49 17.22 -17.78
CA LEU A 121 -7.82 17.30 -19.20
C LEU A 121 -6.87 18.25 -19.93
N SER A 122 -6.47 19.35 -19.28
CA SER A 122 -5.54 20.26 -19.94
C SER A 122 -4.24 19.55 -20.31
N ALA A 123 -3.79 18.63 -19.46
CA ALA A 123 -2.56 17.91 -19.70
C ALA A 123 -2.76 16.64 -20.54
N TYR A 124 -3.84 15.90 -20.31
CA TYR A 124 -3.93 14.52 -20.76
C TYR A 124 -5.10 14.22 -21.70
N SER A 125 -5.86 15.23 -22.11
CA SER A 125 -6.92 15.02 -23.10
C SER A 125 -6.31 14.62 -24.44
N MET A 126 -7.18 14.30 -25.40
CA MET A 126 -6.72 14.12 -26.76
C MET A 126 -6.37 15.49 -27.35
N PRO A 127 -5.46 15.54 -28.31
CA PRO A 127 -4.95 16.86 -28.75
C PRO A 127 -6.04 17.77 -29.28
N GLY A 128 -6.05 19.01 -28.79
CA GLY A 128 -6.95 20.01 -29.29
C GLY A 128 -8.38 19.92 -28.80
N GLN A 129 -8.69 19.01 -27.88
CA GLN A 129 -10.04 18.95 -27.35
C GLN A 129 -10.37 20.20 -26.53
N LEU A 130 -9.37 20.86 -25.96
CA LEU A 130 -9.58 21.93 -25.00
C LEU A 130 -8.99 23.24 -25.49
N ARG A 131 -9.72 24.33 -25.25
CA ARG A 131 -9.23 25.67 -25.48
C ARG A 131 -8.67 26.32 -24.23
N GLY A 132 -9.04 25.84 -23.05
CA GLY A 132 -8.60 26.42 -21.80
C GLY A 132 -9.40 25.84 -20.66
N VAL A 133 -8.91 25.95 -19.43
CA VAL A 133 -9.61 25.38 -18.29
C VAL A 133 -9.66 26.40 -17.16
N LEU A 134 -10.76 26.39 -16.43
CA LEU A 134 -10.92 27.13 -15.19
C LEU A 134 -10.95 26.11 -14.07
N CYS A 135 -10.03 26.24 -13.14
CA CYS A 135 -9.94 25.35 -11.97
C CYS A 135 -10.47 26.15 -10.78
N GLU A 136 -11.72 25.87 -10.41
CA GLU A 136 -12.41 26.62 -9.36
C GLU A 136 -12.09 26.00 -8.00
N ASP A 137 -11.23 26.67 -7.24
CA ASP A 137 -10.81 26.23 -5.92
C ASP A 137 -10.34 24.77 -5.93
N PRO A 138 -9.30 24.46 -6.70
CA PRO A 138 -8.87 23.06 -6.86
C PRO A 138 -7.94 22.60 -5.75
N PRO A 139 -8.21 21.44 -5.14
CA PRO A 139 -7.27 20.90 -4.13
C PRO A 139 -6.02 20.28 -4.75
N PHE A 140 -5.25 21.09 -5.47
CA PHE A 140 -3.95 20.64 -5.94
C PHE A 140 -3.08 20.28 -4.74
N PHE A 141 -2.55 19.04 -4.75
CA PHE A 141 -1.71 18.50 -3.69
C PHE A 141 -2.52 18.10 -2.45
N ALA A 142 -3.40 19.01 -2.00
CA ALA A 142 -4.12 18.79 -0.74
C ALA A 142 -5.12 17.64 -0.81
N SER A 143 -5.47 17.16 -2.00
CA SER A 143 -6.32 15.99 -2.13
C SER A 143 -5.52 14.70 -2.35
N GLU A 144 -4.20 14.78 -2.32
CA GLU A 144 -3.33 13.62 -2.48
C GLU A 144 -2.91 13.06 -1.12
N LEU A 145 -2.70 11.75 -1.08
CA LEU A 145 -2.26 11.12 0.16
C LEU A 145 -0.80 11.46 0.47
N VAL A 146 0.05 11.48 -0.55
CA VAL A 146 1.46 11.82 -0.37
C VAL A 146 1.83 12.91 -1.37
N PRO A 147 1.43 14.16 -1.14
CA PRO A 147 1.70 15.22 -2.10
C PRO A 147 3.17 15.59 -2.16
N ALA A 148 3.56 16.16 -3.30
CA ALA A 148 4.90 16.72 -3.43
C ALA A 148 5.07 17.96 -2.55
N HIS A 149 3.98 18.69 -2.30
CA HIS A 149 4.07 19.96 -1.58
C HIS A 149 2.91 20.12 -0.62
N GLY A 150 3.24 20.49 0.62
CA GLY A 150 2.24 20.98 1.55
C GLY A 150 1.43 19.89 2.23
N HIS A 151 0.23 20.30 2.67
CA HIS A 151 -0.68 19.43 3.39
C HIS A 151 -1.17 18.26 2.55
N SER A 152 -1.24 17.08 3.18
CA SER A 152 -1.86 15.93 2.56
C SER A 152 -3.38 15.94 2.79
N VAL A 153 -4.07 15.03 2.09
CA VAL A 153 -5.51 14.90 2.26
C VAL A 153 -5.87 14.57 3.70
N ARG A 154 -4.99 13.86 4.42
CA ARG A 154 -5.31 13.52 5.81
C ARG A 154 -5.30 14.76 6.70
N GLN A 155 -4.62 15.83 6.29
CA GLN A 155 -4.61 17.10 7.00
C GLN A 155 -5.56 18.12 6.39
N GLY A 156 -6.45 17.68 5.51
CA GLY A 156 -7.40 18.56 4.86
C GLY A 156 -8.82 18.03 4.93
N ALA A 157 -9.34 17.55 3.81
CA ALA A 157 -10.70 17.01 3.76
C ALA A 157 -10.78 15.55 4.20
N GLY A 158 -9.64 14.92 4.48
CA GLY A 158 -9.59 13.53 4.88
C GLY A 158 -10.55 13.16 5.99
N PRO A 159 -10.59 13.95 7.06
CA PRO A 159 -11.57 13.67 8.13
C PRO A 159 -12.98 13.44 7.62
N VAL A 160 -13.42 14.22 6.65
CA VAL A 160 -14.75 14.02 6.06
C VAL A 160 -14.82 12.68 5.35
N PHE A 161 -13.83 12.40 4.49
CA PHE A 161 -13.84 11.17 3.72
C PHE A 161 -13.82 9.95 4.62
N GLU A 162 -13.12 10.02 5.76
CA GLU A 162 -13.07 8.88 6.66
C GLU A 162 -14.46 8.57 7.22
N LEU A 163 -15.22 9.61 7.57
CA LEU A 163 -16.59 9.39 8.06
C LEU A 163 -17.49 8.83 6.96
N PHE A 164 -17.35 9.32 5.72
CA PHE A 164 -18.13 8.76 4.63
C PHE A 164 -17.82 7.27 4.44
N ARG A 165 -16.53 6.93 4.48
CA ARG A 165 -16.11 5.56 4.24
C ARG A 165 -16.69 4.61 5.29
N THR A 166 -16.67 5.03 6.56
CA THR A 166 -17.06 4.14 7.65
C THR A 166 -18.57 4.06 7.79
N TYR A 167 -19.26 5.20 7.79
CA TYR A 167 -20.67 5.19 8.14
C TYR A 167 -21.61 5.08 6.96
N LEU A 168 -21.19 5.55 5.78
CA LEU A 168 -22.02 5.40 4.57
C LEU A 168 -21.62 4.19 3.74
N GLY A 169 -20.33 4.03 3.45
CA GLY A 169 -19.82 2.82 2.84
C GLY A 169 -19.93 2.83 1.32
N ASP A 170 -19.16 1.93 0.70
CA ASP A 170 -19.20 1.75 -0.74
C ASP A 170 -20.63 1.52 -1.22
N GLN A 171 -21.05 2.31 -2.21
CA GLN A 171 -22.40 2.22 -2.76
C GLN A 171 -23.47 2.28 -1.67
N TRP A 172 -23.19 3.00 -0.59
CA TRP A 172 -24.14 3.17 0.50
C TRP A 172 -24.49 1.84 1.17
N SER A 173 -23.53 0.90 1.17
CA SER A 173 -23.80 -0.43 1.69
C SER A 173 -23.96 -0.45 3.21
N VAL A 174 -23.45 0.55 3.91
CA VAL A 174 -23.68 0.64 5.36
C VAL A 174 -24.86 1.53 5.66
N GLY A 175 -24.86 2.75 5.13
CA GLY A 175 -26.03 3.61 5.22
C GLY A 175 -26.40 4.03 6.63
N ASP A 176 -25.42 4.14 7.53
CA ASP A 176 -25.67 4.54 8.91
C ASP A 176 -25.58 6.06 9.00
N TRP A 177 -26.64 6.71 8.49
CA TRP A 177 -26.66 8.16 8.44
C TRP A 177 -26.67 8.77 9.84
N GLU A 178 -27.31 8.09 10.80
CA GLU A 178 -27.31 8.56 12.18
C GLU A 178 -25.89 8.55 12.74
N GLY A 179 -25.17 7.44 12.55
CA GLY A 179 -23.81 7.36 13.06
C GLY A 179 -22.89 8.36 12.38
N PHE A 180 -23.10 8.59 11.08
CA PHE A 180 -22.32 9.62 10.40
C PHE A 180 -22.55 10.98 11.04
N CYS A 181 -23.82 11.35 11.21
CA CYS A 181 -24.14 12.67 11.77
C CYS A 181 -23.54 12.82 13.17
N ARG A 182 -23.61 11.76 13.97
CA ARG A 182 -23.04 11.78 15.30
C ARG A 182 -21.54 12.06 15.25
N ALA A 183 -20.80 11.29 14.45
CA ALA A 183 -19.36 11.47 14.38
C ALA A 183 -18.99 12.80 13.74
N ALA A 184 -19.73 13.20 12.70
CA ALA A 184 -19.44 14.46 12.03
C ALA A 184 -19.65 15.65 12.95
N GLY A 185 -20.76 15.65 13.70
CA GLY A 185 -21.04 16.76 14.59
C GLY A 185 -19.95 16.98 15.62
N ALA A 186 -19.26 15.91 16.01
CA ALA A 186 -18.19 15.97 16.99
C ALA A 186 -16.81 16.13 16.36
N SER A 187 -16.74 16.19 15.04
CA SER A 187 -15.45 16.30 14.37
C SER A 187 -14.85 17.68 14.57
N ALA A 188 -13.51 17.72 14.62
CA ALA A 188 -12.82 19.00 14.65
C ALA A 188 -12.87 19.70 13.29
N SER A 189 -13.22 18.98 12.23
CA SER A 189 -13.27 19.57 10.90
C SER A 189 -14.57 20.32 10.69
N PRO A 190 -14.55 21.61 10.38
CA PRO A 190 -15.82 22.33 10.15
C PRO A 190 -16.59 21.82 8.96
N MET A 191 -15.91 21.37 7.90
CA MET A 191 -16.62 20.79 6.75
C MET A 191 -17.44 19.58 7.18
N ALA A 192 -16.84 18.70 7.99
CA ALA A 192 -17.57 17.52 8.47
C ALA A 192 -18.81 17.95 9.23
N ARG A 193 -18.66 18.88 10.17
CA ARG A 193 -19.78 19.34 10.98
C ARG A 193 -20.89 19.91 10.10
N SER A 194 -20.53 20.47 8.95
CA SER A 194 -21.51 21.13 8.09
C SER A 194 -22.52 20.16 7.48
N PHE A 195 -22.21 18.86 7.46
CA PHE A 195 -23.06 17.88 6.81
C PHE A 195 -24.18 17.35 7.71
N VAL A 196 -24.11 17.60 9.03
CA VAL A 196 -25.11 17.05 9.94
C VAL A 196 -26.49 17.60 9.58
N ALA A 197 -27.45 16.69 9.43
CA ALA A 197 -28.83 17.04 9.14
C ALA A 197 -29.70 15.81 9.33
N ASP A 198 -30.95 16.04 9.73
CA ASP A 198 -31.85 14.92 9.99
C ASP A 198 -32.08 14.10 8.72
N GLY A 199 -32.15 14.77 7.56
CA GLY A 199 -32.33 14.09 6.31
C GLY A 199 -31.09 14.10 5.46
N ILE A 200 -30.97 13.15 4.53
CA ILE A 200 -29.79 13.08 3.67
C ILE A 200 -29.97 14.12 2.55
N PRO A 201 -29.03 15.05 2.39
CA PRO A 201 -29.12 15.99 1.27
C PRO A 201 -29.25 15.26 -0.06
N GLN A 202 -29.98 15.87 -0.99
CA GLN A 202 -30.28 15.23 -2.27
C GLN A 202 -28.99 14.86 -3.01
N HIS A 203 -28.04 15.79 -3.07
CA HIS A 203 -26.81 15.52 -3.82
C HIS A 203 -26.03 14.36 -3.21
N LEU A 204 -26.07 14.22 -1.88
CA LEU A 204 -25.39 13.10 -1.23
C LEU A 204 -26.12 11.79 -1.47
N GLN A 205 -27.44 11.81 -1.62
CA GLN A 205 -28.16 10.59 -1.97
C GLN A 205 -27.72 10.05 -3.33
N GLU A 206 -27.26 10.94 -4.21
CA GLU A 206 -26.84 10.60 -5.56
C GLU A 206 -25.37 10.20 -5.65
N TYR A 207 -24.66 10.22 -4.53
CA TYR A 207 -23.20 10.06 -4.46
C TYR A 207 -22.83 8.65 -4.05
N ASP A 208 -21.85 8.06 -4.75
CA ASP A 208 -21.26 6.79 -4.34
C ASP A 208 -20.13 7.05 -3.36
N PRO A 209 -20.30 6.74 -2.07
CA PRO A 209 -19.23 7.05 -1.10
C PRO A 209 -17.94 6.25 -1.28
N GLU A 210 -17.87 5.31 -2.23
CA GLU A 210 -16.56 4.76 -2.54
C GLU A 210 -15.63 5.85 -3.06
N TRP A 211 -16.21 6.92 -3.63
CA TRP A 211 -15.45 8.12 -3.92
C TRP A 211 -14.59 8.54 -2.73
N ALA A 212 -15.22 8.65 -1.55
CA ALA A 212 -14.50 9.08 -0.35
C ALA A 212 -13.40 8.09 0.01
N ARG A 213 -13.67 6.79 -0.15
CA ARG A 213 -12.67 5.79 0.20
C ARG A 213 -11.39 5.98 -0.60
N VAL A 214 -11.51 6.17 -1.92
CA VAL A 214 -10.33 6.18 -2.76
C VAL A 214 -9.51 7.45 -2.55
N PHE A 215 -10.16 8.54 -2.11
CA PHE A 215 -9.40 9.73 -1.72
C PHE A 215 -8.73 9.52 -0.37
N TYR A 216 -9.46 8.98 0.61
CA TYR A 216 -8.87 8.76 1.93
C TYR A 216 -7.70 7.79 1.86
N GLU A 217 -7.83 6.72 1.07
CA GLU A 217 -6.81 5.68 1.00
C GLU A 217 -5.70 5.99 0.00
N GLY A 218 -5.81 7.07 -0.75
CA GLY A 218 -4.75 7.45 -1.66
C GLY A 218 -4.63 6.60 -2.90
N THR A 219 -5.67 5.87 -3.26
CA THR A 219 -5.67 5.08 -4.49
C THR A 219 -6.20 5.85 -5.69
N VAL A 220 -7.02 6.87 -5.47
CA VAL A 220 -7.65 7.59 -6.59
C VAL A 220 -6.58 8.19 -7.50
N GLY A 221 -5.49 8.68 -6.93
CA GLY A 221 -4.46 9.33 -7.71
C GLY A 221 -3.09 8.66 -7.66
N LEU A 222 -3.08 7.39 -7.24
CA LEU A 222 -1.83 6.66 -7.10
C LEU A 222 -1.00 6.70 -8.37
N SER A 223 -1.63 6.53 -9.53
CA SER A 223 -0.93 6.52 -10.82
C SER A 223 -1.05 7.86 -11.54
N CYS A 224 -1.34 8.93 -10.80
CA CYS A 224 -1.54 10.25 -11.40
C CYS A 224 -1.09 11.31 -10.41
N PRO A 225 0.22 11.37 -10.13
CA PRO A 225 0.73 12.39 -9.20
C PRO A 225 0.49 13.79 -9.75
N HIS A 226 0.11 14.70 -8.85
CA HIS A 226 -0.30 16.03 -9.29
C HIS A 226 0.85 16.80 -9.92
N GLU A 227 2.08 16.64 -9.40
CA GLU A 227 3.16 17.47 -9.92
C GLU A 227 3.47 17.14 -11.38
N ARG A 228 3.34 15.86 -11.77
CA ARG A 228 3.56 15.51 -13.17
C ARG A 228 2.42 15.97 -14.05
N MET A 229 1.20 15.96 -13.53
CA MET A 229 0.05 16.50 -14.27
C MET A 229 0.21 18.00 -14.47
N LEU A 230 0.46 18.73 -13.39
CA LEU A 230 0.54 20.19 -13.47
C LEU A 230 1.68 20.66 -14.35
N GLY A 231 2.78 19.91 -14.38
CA GLY A 231 3.92 20.22 -15.22
C GLY A 231 3.75 19.86 -16.68
N GLN A 232 2.60 19.33 -17.08
CA GLN A 232 2.35 18.97 -18.48
C GLN A 232 1.06 19.55 -19.03
N VAL A 233 0.48 20.55 -18.36
CA VAL A 233 -0.72 21.16 -18.91
C VAL A 233 -0.40 21.80 -20.26
N LYS A 234 -1.40 21.87 -21.13
CA LYS A 234 -1.19 22.26 -22.52
C LYS A 234 -2.14 23.35 -22.99
N THR A 235 -2.98 23.89 -22.12
CA THR A 235 -3.91 24.96 -22.45
C THR A 235 -3.76 26.07 -21.42
N PRO A 236 -4.28 27.26 -21.72
CA PRO A 236 -4.37 28.28 -20.69
C PRO A 236 -5.14 27.75 -19.48
N VAL A 237 -4.74 28.21 -18.30
CA VAL A 237 -5.33 27.79 -17.04
C VAL A 237 -5.70 29.04 -16.24
N LEU A 238 -6.94 29.07 -15.73
CA LEU A 238 -7.35 30.04 -14.73
C LEU A 238 -7.54 29.30 -13.42
N LEU A 239 -6.79 29.70 -12.40
CA LEU A 239 -6.87 29.12 -11.06
C LEU A 239 -7.54 30.15 -10.15
N THR A 240 -8.75 29.86 -9.70
CA THR A 240 -9.42 30.68 -8.70
C THR A 240 -9.21 30.04 -7.33
N HIS A 241 -8.87 30.88 -6.35
CA HIS A 241 -8.41 30.44 -5.03
C HIS A 241 -9.30 31.11 -4.00
N HIS A 242 -10.17 30.33 -3.35
CA HIS A 242 -11.19 30.91 -2.49
C HIS A 242 -10.70 30.93 -1.04
N MET A 243 -11.62 30.80 -0.09
CA MET A 243 -11.26 30.84 1.33
C MET A 243 -10.24 29.75 1.65
N ARG A 244 -9.25 30.09 2.45
CA ARG A 244 -8.30 29.11 2.96
C ARG A 244 -7.64 29.65 4.24
N GLY A 245 -7.18 28.72 5.07
CA GLY A 245 -6.52 29.09 6.31
C GLY A 245 -6.10 27.83 7.05
N ILE A 246 -5.52 28.05 8.23
CA ILE A 246 -5.09 26.97 9.10
C ILE A 246 -5.98 26.94 10.34
N ASP A 247 -6.37 25.75 10.75
CA ASP A 247 -7.07 25.58 12.01
C ASP A 247 -6.04 25.53 13.13
N PRO A 248 -6.04 26.48 14.06
CA PRO A 248 -5.01 26.45 15.12
C PRO A 248 -5.08 25.22 15.99
N GLU A 249 -6.26 24.64 16.20
CA GLU A 249 -6.39 23.54 17.14
C GLU A 249 -5.71 22.27 16.63
N THR A 250 -5.74 22.05 15.31
CA THR A 250 -5.19 20.85 14.71
C THR A 250 -4.04 21.10 13.75
N GLY A 251 -3.88 22.32 13.25
CA GLY A 251 -2.94 22.59 12.19
C GLY A 251 -3.43 22.20 10.81
N ASN A 252 -4.63 21.63 10.71
CA ASN A 252 -5.15 21.19 9.45
C ASN A 252 -5.48 22.38 8.54
N LEU A 253 -5.54 22.08 7.24
CA LEU A 253 -5.90 23.07 6.25
C LEU A 253 -7.41 23.23 6.19
N LEU A 254 -7.86 24.48 6.10
CA LEU A 254 -9.23 24.83 5.76
C LEU A 254 -9.24 25.36 4.34
N GLY A 255 -10.25 24.95 3.55
CA GLY A 255 -10.29 25.33 2.15
C GLY A 255 -9.71 24.24 1.25
N ALA A 256 -9.50 24.61 -0.02
CA ALA A 256 -9.11 23.62 -1.02
C ALA A 256 -7.59 23.40 -1.04
N LEU A 257 -6.80 24.47 -1.04
CA LEU A 257 -5.35 24.35 -1.05
C LEU A 257 -4.74 25.55 -0.34
N SER A 258 -3.51 25.39 0.10
CA SER A 258 -2.81 26.48 0.79
C SER A 258 -2.23 27.46 -0.23
N ASP A 259 -1.79 28.61 0.27
CA ASP A 259 -1.11 29.55 -0.61
C ASP A 259 0.22 28.97 -1.09
N GLU A 260 0.90 28.18 -0.26
CA GLU A 260 2.11 27.50 -0.68
C GLU A 260 1.83 26.51 -1.80
N GLN A 261 0.75 25.74 -1.68
CA GLN A 261 0.42 24.76 -2.72
C GLN A 261 0.01 25.45 -4.02
N ALA A 262 -0.70 26.59 -3.92
CA ALA A 262 -1.05 27.35 -5.11
C ALA A 262 0.19 27.87 -5.81
N LEU A 263 1.18 28.34 -5.04
CA LEU A 263 2.42 28.83 -5.62
C LEU A 263 3.16 27.72 -6.34
N ARG A 264 3.28 26.55 -5.70
CA ARG A 264 4.01 25.44 -6.32
C ARG A 264 3.27 24.93 -7.55
N ALA A 265 1.93 24.94 -7.52
CA ALA A 265 1.16 24.55 -8.70
C ALA A 265 1.35 25.54 -9.83
N ARG A 266 1.34 26.83 -9.53
CA ARG A 266 1.54 27.83 -10.58
C ARG A 266 2.93 27.71 -11.19
N ARG A 267 3.95 27.44 -10.37
CA ARG A 267 5.30 27.29 -10.89
C ARG A 267 5.39 26.12 -11.85
N LEU A 268 4.69 25.02 -11.53
CA LEU A 268 4.72 23.86 -12.42
C LEU A 268 3.96 24.15 -13.71
N MET A 269 2.82 24.83 -13.62
CA MET A 269 2.07 25.15 -14.83
C MET A 269 2.81 26.16 -15.69
N ASP A 270 3.55 27.09 -15.07
CA ASP A 270 4.40 27.99 -15.82
C ASP A 270 5.49 27.22 -16.57
N SER A 271 6.12 26.25 -15.89
CA SER A 271 7.17 25.48 -16.54
C SER A 271 6.61 24.61 -17.65
N ALA A 272 5.33 24.25 -17.57
CA ALA A 272 4.69 23.50 -18.64
C ALA A 272 4.59 24.29 -19.93
N GLY A 273 4.69 25.61 -19.85
CA GLY A 273 4.69 26.45 -21.03
C GLY A 273 3.37 27.06 -21.43
N VAL A 274 2.43 27.23 -20.49
CA VAL A 274 1.11 27.78 -20.80
C VAL A 274 0.93 29.11 -20.07
N THR A 275 -0.11 29.83 -20.47
CA THR A 275 -0.54 31.05 -19.81
C THR A 275 -1.37 30.68 -18.58
N VAL A 276 -0.93 31.13 -17.41
CA VAL A 276 -1.61 30.85 -16.14
C VAL A 276 -2.11 32.17 -15.56
N ASP A 277 -3.40 32.25 -15.28
CA ASP A 277 -3.99 33.35 -14.54
C ASP A 277 -4.44 32.84 -13.17
N TYR A 278 -4.32 33.71 -12.17
CA TYR A 278 -4.59 33.37 -10.77
C TYR A 278 -5.47 34.47 -10.19
N GLU A 279 -6.62 34.08 -9.65
CA GLU A 279 -7.59 35.01 -9.09
C GLU A 279 -7.86 34.59 -7.65
N SER A 280 -7.38 35.38 -6.70
CA SER A 280 -7.60 35.10 -5.28
C SER A 280 -8.87 35.79 -4.82
N VAL A 281 -9.81 35.00 -4.31
CA VAL A 281 -11.07 35.50 -3.79
C VAL A 281 -11.24 34.93 -2.39
N PRO A 282 -10.49 35.41 -1.39
CA PRO A 282 -10.46 34.72 -0.09
C PRO A 282 -11.74 34.80 0.70
N ASP A 283 -12.73 35.57 0.25
CA ASP A 283 -14.01 35.66 0.94
C ASP A 283 -15.05 34.69 0.41
N ALA A 284 -14.79 34.05 -0.73
CA ALA A 284 -15.78 33.18 -1.35
C ALA A 284 -15.73 31.78 -0.76
N SER A 285 -16.91 31.15 -0.73
CA SER A 285 -16.98 29.72 -0.43
C SER A 285 -16.42 28.92 -1.60
N TYR A 286 -16.14 27.64 -1.37
CA TYR A 286 -15.46 26.86 -2.40
C TYR A 286 -16.38 26.62 -3.60
N MET A 287 -17.69 26.63 -3.40
CA MET A 287 -18.64 26.46 -4.49
C MET A 287 -19.24 27.81 -4.91
N MET A 288 -18.36 28.68 -5.40
CA MET A 288 -18.81 30.01 -5.81
C MET A 288 -19.83 29.94 -6.93
N HIS A 289 -19.69 28.97 -7.84
CA HIS A 289 -20.66 28.87 -8.93
C HIS A 289 -22.08 28.64 -8.43
N GLN A 290 -22.23 28.21 -7.18
CA GLN A 290 -23.54 27.95 -6.60
C GLN A 290 -23.96 29.00 -5.58
N SER A 291 -23.02 29.47 -4.76
CA SER A 291 -23.34 30.44 -3.74
C SER A 291 -23.31 31.87 -4.27
N ALA A 292 -22.60 32.13 -5.37
CA ALA A 292 -22.51 33.46 -5.97
C ALA A 292 -22.41 33.31 -7.48
N PRO A 293 -23.48 32.81 -8.11
CA PRO A 293 -23.38 32.47 -9.55
C PRO A 293 -23.01 33.64 -10.43
N ALA A 294 -23.60 34.81 -10.21
CA ALA A 294 -23.29 35.97 -11.04
C ALA A 294 -21.80 36.31 -10.96
N ARG A 295 -21.23 36.30 -9.75
CA ARG A 295 -19.81 36.54 -9.60
C ARG A 295 -19.00 35.52 -10.39
N TYR A 296 -19.33 34.24 -10.24
CA TYR A 296 -18.61 33.18 -10.94
C TYR A 296 -18.69 33.36 -12.44
N VAL A 297 -19.88 33.66 -12.96
CA VAL A 297 -20.03 33.78 -14.41
C VAL A 297 -19.29 35.02 -14.92
N GLU A 298 -19.18 36.06 -14.10
CA GLU A 298 -18.41 37.24 -14.51
C GLU A 298 -16.94 36.89 -14.69
N ILE A 299 -16.35 36.18 -13.72
CA ILE A 299 -14.95 35.79 -13.82
C ILE A 299 -14.75 34.87 -15.01
N PHE A 300 -15.63 33.88 -15.18
CA PHE A 300 -15.48 32.94 -16.28
C PHE A 300 -15.61 33.65 -17.63
N THR A 301 -16.64 34.48 -17.77
CA THR A 301 -16.91 35.10 -19.07
C THR A 301 -15.80 36.06 -19.47
N ARG A 302 -15.25 36.79 -18.49
CA ARG A 302 -14.10 37.65 -18.76
C ARG A 302 -12.92 36.84 -19.28
N TRP A 303 -12.55 35.79 -18.55
CA TRP A 303 -11.38 35.00 -18.91
C TRP A 303 -11.57 34.28 -20.22
N ALA A 304 -12.76 33.70 -20.44
CA ALA A 304 -13.00 32.96 -21.67
C ALA A 304 -13.01 33.86 -22.89
N ALA A 305 -13.43 35.12 -22.74
CA ALA A 305 -13.44 36.04 -23.87
C ALA A 305 -12.03 36.37 -24.36
N ALA A 306 -11.03 36.24 -23.50
CA ALA A 306 -9.65 36.49 -23.88
C ALA A 306 -9.00 35.32 -24.60
N LEU A 307 -9.67 34.16 -24.66
CA LEU A 307 -9.09 33.01 -25.33
C LEU A 307 -9.17 33.17 -26.84
N ALA A 308 -8.23 32.56 -27.54
CA ALA A 308 -8.20 32.67 -29.00
C ALA A 308 -9.46 32.06 -29.59
N PRO A 309 -10.21 32.81 -30.42
CA PRO A 309 -11.44 32.25 -31.00
C PRO A 309 -11.16 31.23 -32.10
N VAL B 2 25.53 0.15 -17.64
CA VAL B 2 25.09 0.42 -19.00
C VAL B 2 24.15 1.62 -19.02
N THR B 3 24.44 2.61 -19.87
CA THR B 3 23.66 3.83 -19.91
C THR B 3 22.85 4.00 -21.20
N SER B 4 23.20 3.28 -22.26
CA SER B 4 22.49 3.46 -23.53
C SER B 4 20.98 3.35 -23.37
N PRO B 5 20.42 2.30 -22.75
CA PRO B 5 18.95 2.26 -22.61
C PRO B 5 18.39 3.44 -21.86
N ALA B 6 19.09 3.93 -20.83
CA ALA B 6 18.60 5.08 -20.08
C ALA B 6 18.53 6.32 -20.97
N LEU B 7 19.37 6.38 -22.01
CA LEU B 7 19.37 7.49 -22.96
C LEU B 7 18.42 7.27 -24.13
N ARG B 8 17.84 6.08 -24.25
CA ARG B 8 16.85 5.78 -25.28
C ARG B 8 17.39 5.98 -26.69
N ASP B 9 18.68 5.78 -26.87
CA ASP B 9 19.30 5.74 -28.19
C ASP B 9 19.74 4.30 -28.46
N VAL B 10 18.74 3.46 -28.73
CA VAL B 10 18.97 2.03 -28.88
C VAL B 10 18.22 1.47 -30.07
N HIS B 11 17.41 2.29 -30.72
CA HIS B 11 16.46 1.76 -31.69
C HIS B 11 17.14 1.47 -33.02
N VAL B 12 16.60 0.48 -33.72
CA VAL B 12 17.18 -0.01 -34.97
C VAL B 12 16.09 -0.15 -36.03
N PRO B 13 16.47 -0.33 -37.30
CA PRO B 13 15.46 -0.54 -38.34
C PRO B 13 14.83 -1.92 -38.24
N HIS B 14 13.61 -2.03 -38.79
CA HIS B 14 12.89 -3.28 -38.84
C HIS B 14 12.24 -3.42 -40.21
N ALA B 15 11.45 -4.48 -40.38
CA ALA B 15 10.93 -4.86 -41.69
C ALA B 15 9.91 -3.86 -42.23
N TYR B 16 9.25 -3.10 -41.37
CA TYR B 16 8.28 -2.11 -41.79
C TYR B 16 8.72 -0.73 -41.32
N PRO B 17 8.32 0.32 -42.03
CA PRO B 17 8.60 1.68 -41.54
C PRO B 17 7.73 1.98 -40.33
N GLU B 18 8.21 2.89 -39.50
CA GLU B 18 7.54 3.22 -38.25
C GLU B 18 6.91 4.60 -38.36
N GLN B 19 5.74 4.73 -37.73
CA GLN B 19 4.95 5.94 -37.75
C GLN B 19 4.62 6.30 -36.30
N GLN B 20 4.30 7.57 -36.08
CA GLN B 20 3.97 8.08 -34.75
C GLN B 20 2.68 8.88 -34.80
N VAL B 21 1.99 8.89 -33.67
CA VAL B 21 0.77 9.68 -33.51
C VAL B 21 0.76 10.27 -32.11
N ASP B 22 0.33 11.53 -32.00
CA ASP B 22 0.15 12.18 -30.71
C ASP B 22 -1.22 11.79 -30.17
N LEU B 23 -1.25 11.06 -29.06
CA LEU B 23 -2.49 10.66 -28.43
C LEU B 23 -2.94 11.64 -27.35
N GLY B 24 -2.13 12.67 -27.07
CA GLY B 24 -2.43 13.62 -26.03
C GLY B 24 -1.30 13.65 -25.01
N GLU B 25 -1.33 12.74 -24.06
CA GLU B 25 -0.24 12.66 -23.09
C GLU B 25 1.02 12.10 -23.72
N ILE B 26 0.87 11.13 -24.63
CA ILE B 26 2.01 10.39 -25.17
C ILE B 26 2.03 10.48 -26.69
N THR B 27 3.20 10.18 -27.25
CA THR B 27 3.35 9.81 -28.65
C THR B 27 3.43 8.29 -28.72
N MET B 28 2.62 7.70 -29.59
CA MET B 28 2.62 6.26 -29.79
C MET B 28 3.29 5.93 -31.11
N ASN B 29 4.32 5.09 -31.06
CA ASN B 29 4.99 4.57 -32.25
C ASN B 29 4.32 3.28 -32.69
N TYR B 30 4.20 3.09 -34.00
CA TYR B 30 3.52 1.92 -34.54
C TYR B 30 3.97 1.64 -35.96
N ALA B 31 3.61 0.44 -36.43
CA ALA B 31 3.86 0.01 -37.80
C ALA B 31 2.54 -0.52 -38.37
N GLU B 32 2.45 -0.47 -39.70
CA GLU B 32 1.23 -0.73 -40.43
C GLU B 32 1.55 -1.64 -41.60
N ALA B 33 0.61 -2.52 -41.94
CA ALA B 33 0.79 -3.42 -43.06
C ALA B 33 -0.58 -3.85 -43.58
N GLY B 34 -0.64 -4.20 -44.86
CA GLY B 34 -1.85 -4.73 -45.45
C GLY B 34 -2.69 -3.67 -46.14
N ASP B 35 -3.84 -4.14 -46.63
CA ASP B 35 -4.73 -3.33 -47.46
C ASP B 35 -5.72 -2.58 -46.58
N PRO B 36 -5.78 -1.24 -46.68
CA PRO B 36 -6.80 -0.50 -45.91
C PRO B 36 -8.23 -0.87 -46.28
N ASP B 37 -8.44 -1.64 -47.34
CA ASP B 37 -9.79 -2.09 -47.68
C ASP B 37 -10.21 -3.31 -46.86
N ARG B 38 -9.25 -4.03 -46.26
CA ARG B 38 -9.50 -5.27 -45.53
C ARG B 38 -9.80 -4.97 -44.06
N PRO B 39 -10.36 -5.93 -43.34
CA PRO B 39 -10.71 -5.69 -41.93
C PRO B 39 -9.47 -5.32 -41.11
N ALA B 40 -9.66 -4.38 -40.18
CA ALA B 40 -8.54 -3.88 -39.39
C ALA B 40 -8.25 -4.77 -38.18
N VAL B 41 -6.97 -4.93 -37.90
CA VAL B 41 -6.46 -5.70 -36.77
C VAL B 41 -5.48 -4.85 -35.98
N LEU B 42 -5.56 -4.92 -34.65
CA LEU B 42 -4.61 -4.28 -33.76
C LEU B 42 -3.88 -5.34 -32.95
N LEU B 43 -2.55 -5.29 -32.97
CA LEU B 43 -1.70 -6.25 -32.27
C LEU B 43 -0.98 -5.56 -31.12
N ILE B 44 -1.12 -6.12 -29.92
CA ILE B 44 -0.55 -5.56 -28.70
C ILE B 44 0.52 -6.51 -28.19
N PRO B 45 1.75 -6.05 -27.97
CA PRO B 45 2.82 -6.96 -27.58
C PRO B 45 2.75 -7.36 -26.10
N GLU B 46 3.52 -8.41 -25.81
CA GLU B 46 3.82 -8.83 -24.45
C GLU B 46 4.67 -7.76 -23.75
N GLN B 47 4.75 -7.87 -22.42
CA GLN B 47 5.62 -6.98 -21.66
C GLN B 47 7.08 -7.20 -22.09
N THR B 48 7.81 -6.10 -22.20
CA THR B 48 9.17 -5.96 -22.74
C THR B 48 9.21 -6.08 -24.26
N GLY B 49 8.09 -6.36 -24.91
CA GLY B 49 8.03 -6.51 -26.35
C GLY B 49 7.59 -5.23 -27.03
N SER B 50 8.26 -4.90 -28.13
CA SER B 50 7.88 -3.79 -28.98
C SER B 50 6.97 -4.28 -30.11
N TRP B 51 6.49 -3.34 -30.94
CA TRP B 51 5.57 -3.70 -32.00
C TRP B 51 6.14 -4.80 -32.88
N TRP B 52 7.46 -4.75 -33.13
CA TRP B 52 8.12 -5.68 -34.02
C TRP B 52 8.26 -7.07 -33.44
N SER B 53 7.82 -7.28 -32.19
CA SER B 53 7.60 -8.64 -31.70
C SER B 53 6.73 -9.43 -32.67
N TYR B 54 5.89 -8.74 -33.44
CA TYR B 54 4.95 -9.36 -34.36
C TYR B 54 5.41 -9.33 -35.82
N GLU B 55 6.68 -9.00 -36.06
CA GLU B 55 7.13 -8.71 -37.42
C GLU B 55 6.76 -9.81 -38.40
N GLU B 56 7.01 -11.06 -38.04
CA GLU B 56 6.74 -12.16 -38.96
C GLU B 56 5.24 -12.38 -39.12
N ALA B 57 4.51 -12.40 -38.00
CA ALA B 57 3.06 -12.58 -38.07
C ALA B 57 2.38 -11.48 -38.89
N MET B 58 2.93 -10.26 -38.85
CA MET B 58 2.37 -9.16 -39.62
C MET B 58 2.42 -9.46 -41.12
N GLY B 59 3.56 -9.99 -41.59
CA GLY B 59 3.66 -10.34 -43.00
C GLY B 59 2.60 -11.34 -43.41
N LEU B 60 2.37 -12.36 -42.59
CA LEU B 60 1.35 -13.35 -42.91
C LEU B 60 -0.04 -12.75 -42.82
N LEU B 61 -0.32 -11.97 -41.77
CA LEU B 61 -1.65 -11.41 -41.61
C LEU B 61 -1.95 -10.34 -42.64
N SER B 62 -0.93 -9.63 -43.12
CA SER B 62 -1.16 -8.56 -44.08
C SER B 62 -1.79 -9.06 -45.37
N GLU B 63 -1.77 -10.37 -45.61
CA GLU B 63 -2.42 -10.89 -46.81
C GLU B 63 -3.92 -10.64 -46.79
N HIS B 64 -4.53 -10.68 -45.61
CA HIS B 64 -5.98 -10.63 -45.51
C HIS B 64 -6.51 -9.55 -44.58
N PHE B 65 -5.64 -8.84 -43.87
CA PHE B 65 -6.08 -7.84 -42.91
C PHE B 65 -5.24 -6.56 -43.04
N HIS B 66 -5.83 -5.46 -42.60
CA HIS B 66 -5.10 -4.21 -42.38
C HIS B 66 -4.56 -4.22 -40.96
N VAL B 67 -3.25 -4.40 -40.81
CA VAL B 67 -2.64 -4.75 -39.54
C VAL B 67 -1.94 -3.53 -38.95
N TYR B 68 -2.19 -3.28 -37.67
CA TYR B 68 -1.46 -2.30 -36.88
C TYR B 68 -0.82 -3.00 -35.69
N ALA B 69 0.48 -2.79 -35.50
CA ALA B 69 1.21 -3.24 -34.31
C ALA B 69 1.77 -2.03 -33.61
N VAL B 70 1.62 -1.97 -32.27
CA VAL B 70 1.91 -0.76 -31.52
C VAL B 70 2.96 -1.00 -30.45
N ASP B 71 3.72 0.06 -30.17
CA ASP B 71 4.52 0.20 -28.96
C ASP B 71 3.63 0.83 -27.88
N LEU B 72 3.43 0.15 -26.76
CA LEU B 72 2.75 0.79 -25.64
C LEU B 72 3.67 1.82 -24.99
N ARG B 73 3.08 2.70 -24.18
CA ARG B 73 3.89 3.61 -23.39
C ARG B 73 4.88 2.81 -22.54
N GLY B 74 6.05 3.40 -22.32
CA GLY B 74 7.12 2.70 -21.63
C GLY B 74 7.78 1.61 -22.44
N GLN B 75 7.63 1.62 -23.76
CA GLN B 75 8.18 0.57 -24.61
C GLN B 75 8.50 1.12 -26.01
N GLY B 76 9.57 0.62 -26.60
CA GLY B 76 9.86 0.95 -27.99
C GLY B 76 10.17 2.42 -28.16
N ARG B 77 9.53 3.05 -29.13
CA ARG B 77 9.71 4.47 -29.38
C ARG B 77 8.56 5.31 -28.84
N SER B 78 7.63 4.70 -28.11
CA SER B 78 6.56 5.45 -27.49
C SER B 78 7.06 6.13 -26.22
N SER B 79 6.30 7.13 -25.77
CA SER B 79 6.73 7.92 -24.63
C SER B 79 6.97 7.03 -23.41
N TRP B 80 8.06 7.32 -22.71
CA TRP B 80 8.24 6.83 -21.35
C TRP B 80 7.58 7.84 -20.42
N THR B 81 6.74 7.35 -19.50
CA THR B 81 5.93 8.20 -18.63
C THR B 81 6.12 7.78 -17.19
N PRO B 82 7.13 8.31 -16.50
CA PRO B 82 7.33 7.95 -15.09
C PRO B 82 6.06 8.14 -14.28
N LYS B 83 5.80 7.20 -13.38
CA LYS B 83 4.73 7.24 -12.39
C LYS B 83 3.34 7.11 -12.98
N ARG B 84 3.21 6.80 -14.28
CA ARG B 84 1.91 6.79 -14.94
C ARG B 84 1.50 5.41 -15.46
N TYR B 85 2.21 4.34 -15.08
CA TYR B 85 1.96 3.03 -15.66
C TYR B 85 0.82 2.33 -14.92
N SER B 86 -0.29 2.14 -15.63
CA SER B 86 -1.48 1.48 -15.10
C SER B 86 -2.24 0.85 -16.26
N LEU B 87 -3.03 -0.19 -15.95
CA LEU B 87 -3.82 -0.85 -16.99
C LEU B 87 -4.78 0.15 -17.65
N ASP B 88 -5.33 1.08 -16.87
CA ASP B 88 -6.26 2.05 -17.43
C ASP B 88 -5.55 3.03 -18.36
N ASN B 89 -4.32 3.41 -18.04
CA ASN B 89 -3.62 4.34 -18.93
C ASN B 89 -3.16 3.63 -20.21
N PHE B 90 -2.65 2.39 -20.08
CA PHE B 90 -2.36 1.58 -21.26
C PHE B 90 -3.61 1.44 -22.14
N GLY B 91 -4.73 1.08 -21.52
CA GLY B 91 -5.93 0.77 -22.30
C GLY B 91 -6.50 2.00 -22.97
N ASN B 92 -6.55 3.13 -22.27
CA ASN B 92 -7.11 4.33 -22.89
C ASN B 92 -6.19 4.86 -23.97
N ASP B 93 -4.87 4.65 -23.85
CA ASP B 93 -4.00 4.91 -24.98
C ASP B 93 -4.50 4.17 -26.22
N LEU B 94 -4.81 2.88 -26.07
CA LEU B 94 -5.25 2.09 -27.23
C LEU B 94 -6.60 2.56 -27.74
N VAL B 95 -7.50 2.98 -26.84
CA VAL B 95 -8.79 3.52 -27.28
C VAL B 95 -8.56 4.74 -28.17
N ARG B 96 -7.65 5.63 -27.76
CA ARG B 96 -7.34 6.81 -28.53
C ARG B 96 -6.68 6.46 -29.86
N PHE B 97 -5.82 5.42 -29.87
CA PHE B 97 -5.18 5.02 -31.11
C PHE B 97 -6.22 4.52 -32.12
N ILE B 98 -7.16 3.69 -31.66
CA ILE B 98 -8.25 3.27 -32.54
C ILE B 98 -9.02 4.46 -33.05
N ALA B 99 -9.31 5.43 -32.17
CA ALA B 99 -10.15 6.55 -32.56
C ALA B 99 -9.43 7.49 -33.52
N LEU B 100 -8.13 7.71 -33.31
CA LEU B 100 -7.41 8.74 -34.06
C LEU B 100 -6.68 8.21 -35.29
N VAL B 101 -6.28 6.94 -35.28
CA VAL B 101 -5.49 6.36 -36.37
C VAL B 101 -6.32 5.36 -37.18
N VAL B 102 -6.88 4.33 -36.52
CA VAL B 102 -7.55 3.27 -37.24
C VAL B 102 -8.87 3.76 -37.83
N LYS B 103 -9.70 4.40 -37.00
CA LYS B 103 -10.95 5.03 -37.42
C LYS B 103 -11.95 4.01 -37.99
N ARG B 104 -11.78 2.75 -37.64
CA ARG B 104 -12.66 1.68 -38.07
C ARG B 104 -12.76 0.68 -36.93
N PRO B 105 -13.79 -0.17 -36.92
CA PRO B 105 -13.82 -1.26 -35.94
C PRO B 105 -12.63 -2.19 -36.14
N VAL B 106 -12.13 -2.74 -35.03
CA VAL B 106 -10.91 -3.54 -35.06
C VAL B 106 -11.13 -4.88 -34.38
N VAL B 107 -10.39 -5.88 -34.85
CA VAL B 107 -10.13 -7.11 -34.11
C VAL B 107 -8.79 -6.94 -33.41
N VAL B 108 -8.77 -7.15 -32.10
CA VAL B 108 -7.59 -6.92 -31.28
C VAL B 108 -7.01 -8.26 -30.87
N ALA B 109 -5.68 -8.38 -30.96
CA ALA B 109 -4.96 -9.54 -30.46
C ALA B 109 -3.79 -9.08 -29.61
N GLY B 110 -3.71 -9.61 -28.40
CA GLY B 110 -2.64 -9.24 -27.48
C GLY B 110 -2.01 -10.45 -26.82
N ASN B 111 -0.71 -10.37 -26.60
CA ASN B 111 0.08 -11.45 -26.01
C ASN B 111 0.35 -11.14 -24.55
N SER B 112 -0.10 -12.04 -23.66
CA SER B 112 0.19 -11.98 -22.22
C SER B 112 -0.37 -10.66 -21.67
N SER B 113 0.46 -9.75 -21.12
CA SER B 113 -0.11 -8.51 -20.62
C SER B 113 -0.82 -7.76 -21.74
N GLY B 114 -0.36 -7.92 -22.99
CA GLY B 114 -1.10 -7.41 -24.12
C GLY B 114 -2.47 -8.08 -24.27
N GLY B 115 -2.56 -9.35 -23.91
CA GLY B 115 -3.85 -10.03 -23.92
C GLY B 115 -4.74 -9.57 -22.79
N VAL B 116 -4.17 -9.26 -21.64
CA VAL B 116 -4.94 -8.60 -20.58
C VAL B 116 -5.53 -7.30 -21.11
N LEU B 117 -4.74 -6.53 -21.87
CA LEU B 117 -5.24 -5.26 -22.39
C LEU B 117 -6.27 -5.46 -23.50
N ALA B 118 -6.18 -6.57 -24.25
CA ALA B 118 -7.22 -6.87 -25.22
C ALA B 118 -8.57 -7.09 -24.53
N ALA B 119 -8.55 -7.85 -23.43
CA ALA B 119 -9.76 -8.02 -22.63
C ALA B 119 -10.22 -6.70 -22.04
N TRP B 120 -9.28 -5.89 -21.56
CA TRP B 120 -9.62 -4.54 -21.09
C TRP B 120 -10.44 -3.81 -22.14
N LEU B 121 -9.98 -3.82 -23.38
CA LEU B 121 -10.67 -3.14 -24.47
C LEU B 121 -12.04 -3.75 -24.74
N SER B 122 -12.13 -5.09 -24.70
CA SER B 122 -13.42 -5.74 -24.89
C SER B 122 -14.46 -5.21 -23.91
N ALA B 123 -14.04 -4.93 -22.67
CA ALA B 123 -14.95 -4.45 -21.65
C ALA B 123 -15.09 -2.94 -21.63
N TYR B 124 -14.00 -2.20 -21.85
CA TYR B 124 -13.93 -0.79 -21.47
C TYR B 124 -13.64 0.15 -22.62
N SER B 125 -13.62 -0.32 -23.87
CA SER B 125 -13.39 0.57 -25.00
C SER B 125 -14.63 1.44 -25.22
N MET B 126 -14.52 2.38 -26.15
CA MET B 126 -15.70 3.13 -26.56
C MET B 126 -16.62 2.20 -27.37
N PRO B 127 -17.91 2.49 -27.40
CA PRO B 127 -18.85 1.54 -28.02
C PRO B 127 -18.59 1.36 -29.51
N GLY B 128 -18.59 0.11 -29.95
CA GLY B 128 -18.43 -0.21 -31.35
C GLY B 128 -17.00 -0.21 -31.87
N GLN B 129 -16.01 0.04 -31.01
CA GLN B 129 -14.64 0.09 -31.48
C GLN B 129 -14.11 -1.30 -31.84
N LEU B 130 -14.63 -2.34 -31.20
CA LEU B 130 -14.07 -3.68 -31.29
C LEU B 130 -15.11 -4.66 -31.83
N ARG B 131 -14.64 -5.58 -32.67
CA ARG B 131 -15.47 -6.69 -33.14
C ARG B 131 -15.17 -8.00 -32.43
N GLY B 132 -14.01 -8.10 -31.77
CA GLY B 132 -13.62 -9.31 -31.07
C GLY B 132 -12.19 -9.20 -30.60
N VAL B 133 -11.78 -10.03 -29.65
CA VAL B 133 -10.42 -9.98 -29.13
C VAL B 133 -9.86 -11.39 -29.03
N LEU B 134 -8.58 -11.52 -29.37
CA LEU B 134 -7.79 -12.73 -29.14
C LEU B 134 -6.84 -12.45 -27.98
N CYS B 135 -6.95 -13.23 -26.92
CA CYS B 135 -6.08 -13.10 -25.75
C CYS B 135 -5.07 -14.25 -25.78
N GLU B 136 -3.85 -13.95 -26.25
CA GLU B 136 -2.82 -14.96 -26.46
C GLU B 136 -2.05 -15.19 -25.15
N ASP B 137 -2.32 -16.33 -24.52
CA ASP B 137 -1.66 -16.73 -23.27
C ASP B 137 -1.69 -15.61 -22.24
N PRO B 138 -2.89 -15.21 -21.79
CA PRO B 138 -3.00 -14.01 -20.93
C PRO B 138 -2.86 -14.36 -19.46
N PRO B 139 -2.05 -13.60 -18.69
CA PRO B 139 -1.99 -13.84 -17.24
C PRO B 139 -3.19 -13.25 -16.50
N PHE B 140 -4.39 -13.72 -16.83
CA PHE B 140 -5.55 -13.41 -16.03
C PHE B 140 -5.30 -13.88 -14.59
N PHE B 141 -5.49 -12.97 -13.63
CA PHE B 141 -5.30 -13.18 -12.20
C PHE B 141 -3.83 -13.34 -11.83
N ALA B 142 -3.08 -14.14 -12.59
CA ALA B 142 -1.70 -14.44 -12.25
C ALA B 142 -0.79 -13.22 -12.38
N SER B 143 -1.19 -12.18 -13.10
CA SER B 143 -0.40 -10.95 -13.14
C SER B 143 -0.85 -9.94 -12.09
N GLU B 144 -1.79 -10.31 -11.23
CA GLU B 144 -2.28 -9.45 -10.16
C GLU B 144 -1.56 -9.76 -8.85
N LEU B 145 -1.40 -8.73 -8.02
CA LEU B 145 -0.80 -8.92 -6.70
C LEU B 145 -1.76 -9.66 -5.77
N VAL B 146 -3.06 -9.36 -5.87
CA VAL B 146 -4.08 -9.95 -5.01
C VAL B 146 -5.23 -10.45 -5.87
N PRO B 147 -5.05 -11.54 -6.61
CA PRO B 147 -6.11 -12.01 -7.51
C PRO B 147 -7.28 -12.62 -6.76
N ALA B 148 -8.43 -12.65 -7.43
CA ALA B 148 -9.59 -13.35 -6.88
C ALA B 148 -9.39 -14.86 -6.90
N HIS B 149 -8.56 -15.36 -7.82
CA HIS B 149 -8.42 -16.81 -8.02
C HIS B 149 -6.97 -17.18 -8.30
N GLY B 150 -6.48 -18.20 -7.60
CA GLY B 150 -5.22 -18.85 -7.94
C GLY B 150 -3.96 -18.07 -7.55
N HIS B 151 -2.90 -18.38 -8.31
CA HIS B 151 -1.57 -17.83 -8.07
C HIS B 151 -1.55 -16.31 -8.26
N SER B 152 -0.82 -15.62 -7.38
CA SER B 152 -0.54 -14.20 -7.55
C SER B 152 0.72 -14.02 -8.39
N VAL B 153 0.98 -12.76 -8.77
CA VAL B 153 2.19 -12.45 -9.54
C VAL B 153 3.44 -12.80 -8.74
N ARG B 154 3.38 -12.72 -7.41
CA ARG B 154 4.56 -13.08 -6.63
C ARG B 154 4.91 -14.55 -6.77
N GLN B 155 3.95 -15.40 -7.17
CA GLN B 155 4.16 -16.81 -7.37
C GLN B 155 4.28 -17.19 -8.85
N GLY B 156 4.44 -16.20 -9.73
CA GLY B 156 4.56 -16.45 -11.16
C GLY B 156 5.71 -15.68 -11.77
N ALA B 157 5.40 -14.58 -12.46
CA ALA B 157 6.44 -13.77 -13.09
C ALA B 157 7.11 -12.80 -12.14
N GLY B 158 6.57 -12.64 -10.92
CA GLY B 158 7.11 -11.69 -9.98
C GLY B 158 8.61 -11.76 -9.74
N PRO B 159 9.18 -12.96 -9.63
CA PRO B 159 10.65 -13.03 -9.43
C PRO B 159 11.43 -12.32 -10.53
N VAL B 160 10.96 -12.37 -11.78
CA VAL B 160 11.63 -11.62 -12.84
C VAL B 160 11.46 -10.12 -12.62
N PHE B 161 10.23 -9.69 -12.29
CA PHE B 161 9.99 -8.26 -12.12
C PHE B 161 10.78 -7.70 -10.95
N GLU B 162 10.95 -8.49 -9.88
CA GLU B 162 11.78 -8.06 -8.76
C GLU B 162 13.20 -7.77 -9.21
N LEU B 163 13.76 -8.65 -10.05
CA LEU B 163 15.13 -8.45 -10.50
C LEU B 163 15.23 -7.24 -11.45
N PHE B 164 14.23 -7.06 -12.32
CA PHE B 164 14.21 -5.88 -13.18
C PHE B 164 14.14 -4.60 -12.36
N ARG B 165 13.24 -4.57 -11.39
CA ARG B 165 13.06 -3.38 -10.55
C ARG B 165 14.35 -3.02 -9.84
N THR B 166 15.06 -4.01 -9.32
CA THR B 166 16.23 -3.74 -8.48
C THR B 166 17.48 -3.44 -9.31
N TYR B 167 17.71 -4.19 -10.38
CA TYR B 167 18.98 -4.10 -11.09
C TYR B 167 18.93 -3.27 -12.36
N LEU B 168 17.75 -3.14 -12.99
CA LEU B 168 17.60 -2.27 -14.14
C LEU B 168 17.06 -0.90 -13.74
N GLY B 169 15.95 -0.87 -13.00
CA GLY B 169 15.46 0.36 -12.39
C GLY B 169 14.57 1.16 -13.31
N ASP B 170 13.84 2.10 -12.70
CA ASP B 170 12.94 2.97 -13.44
C ASP B 170 13.71 3.69 -14.55
N GLN B 171 13.21 3.65 -15.77
CA GLN B 171 13.85 4.31 -16.90
C GLN B 171 15.31 3.91 -17.03
N TRP B 172 15.63 2.67 -16.65
CA TRP B 172 16.99 2.13 -16.74
C TRP B 172 17.98 2.95 -15.93
N SER B 173 17.51 3.57 -14.84
CA SER B 173 18.38 4.44 -14.05
C SER B 173 19.47 3.68 -13.30
N VAL B 174 19.31 2.38 -13.06
CA VAL B 174 20.35 1.62 -12.38
C VAL B 174 21.25 0.99 -13.44
N GLY B 175 20.68 0.16 -14.30
CA GLY B 175 21.40 -0.37 -15.44
C GLY B 175 22.50 -1.34 -15.09
N ASP B 176 22.38 -2.05 -13.97
CA ASP B 176 23.38 -3.01 -13.50
C ASP B 176 23.07 -4.37 -14.12
N TRP B 177 23.46 -4.52 -15.39
CA TRP B 177 23.20 -5.77 -16.09
C TRP B 177 24.01 -6.91 -15.49
N GLU B 178 25.26 -6.64 -15.11
CA GLU B 178 26.07 -7.64 -14.43
C GLU B 178 25.36 -8.13 -13.17
N GLY B 179 24.87 -7.20 -12.36
CA GLY B 179 24.17 -7.59 -11.14
C GLY B 179 22.88 -8.34 -11.42
N PHE B 180 22.18 -7.97 -12.50
CA PHE B 180 20.98 -8.69 -12.87
C PHE B 180 21.30 -10.15 -13.19
N CYS B 181 22.34 -10.37 -14.00
CA CYS B 181 22.71 -11.72 -14.40
C CYS B 181 23.13 -12.57 -13.20
N ARG B 182 23.92 -11.99 -12.30
CA ARG B 182 24.33 -12.70 -11.09
C ARG B 182 23.11 -13.14 -10.29
N ALA B 183 22.20 -12.22 -10.00
CA ALA B 183 21.01 -12.57 -9.24
C ALA B 183 20.12 -13.52 -10.02
N ALA B 184 19.99 -13.31 -11.34
CA ALA B 184 19.12 -14.15 -12.15
C ALA B 184 19.63 -15.59 -12.19
N GLY B 185 20.94 -15.77 -12.34
CA GLY B 185 21.51 -17.11 -12.33
C GLY B 185 21.35 -17.84 -11.02
N ALA B 186 20.99 -17.12 -9.95
CA ALA B 186 20.69 -17.73 -8.66
C ALA B 186 19.19 -17.90 -8.44
N SER B 187 18.37 -17.52 -9.42
CA SER B 187 16.93 -17.49 -9.24
C SER B 187 16.31 -18.85 -9.57
N ALA B 188 15.21 -19.15 -8.88
CA ALA B 188 14.44 -20.35 -9.16
C ALA B 188 13.57 -20.20 -10.40
N SER B 189 13.38 -18.98 -10.90
CA SER B 189 12.50 -18.75 -12.05
C SER B 189 13.24 -19.06 -13.33
N PRO B 190 12.79 -20.06 -14.10
CA PRO B 190 13.46 -20.32 -15.40
C PRO B 190 13.37 -19.13 -16.34
N MET B 191 12.29 -18.36 -16.28
CA MET B 191 12.18 -17.17 -17.12
C MET B 191 13.26 -16.16 -16.76
N ALA B 192 13.52 -15.98 -15.47
CA ALA B 192 14.58 -15.07 -15.03
C ALA B 192 15.92 -15.49 -15.62
N ARG B 193 16.27 -16.77 -15.50
CA ARG B 193 17.57 -17.22 -15.99
C ARG B 193 17.68 -17.07 -17.50
N SER B 194 16.56 -17.13 -18.22
CA SER B 194 16.61 -17.08 -19.67
C SER B 194 17.16 -15.76 -20.21
N PHE B 195 17.18 -14.70 -19.39
CA PHE B 195 17.56 -13.39 -19.88
C PHE B 195 19.07 -13.15 -19.90
N VAL B 196 19.86 -14.10 -19.40
CA VAL B 196 21.28 -13.83 -19.16
C VAL B 196 22.07 -13.94 -20.45
N ALA B 197 21.93 -15.04 -21.18
CA ALA B 197 22.77 -15.29 -22.34
C ALA B 197 22.61 -14.18 -23.37
N ASP B 198 23.69 -13.94 -24.12
CA ASP B 198 23.69 -13.06 -25.29
C ASP B 198 23.47 -11.59 -24.93
N GLY B 199 23.88 -11.17 -23.75
CA GLY B 199 23.80 -9.76 -23.39
C GLY B 199 22.36 -9.29 -23.23
N ILE B 200 22.19 -7.98 -23.33
CA ILE B 200 20.87 -7.37 -23.16
C ILE B 200 20.08 -7.49 -24.46
N PRO B 201 18.97 -8.22 -24.47
CA PRO B 201 18.16 -8.31 -25.69
C PRO B 201 17.70 -6.94 -26.14
N GLN B 202 17.63 -6.77 -27.48
CA GLN B 202 17.20 -5.50 -28.06
C GLN B 202 15.85 -5.07 -27.52
N HIS B 203 14.88 -5.98 -27.45
CA HIS B 203 13.55 -5.59 -27.00
C HIS B 203 13.61 -5.06 -25.56
N LEU B 204 14.44 -5.67 -24.72
CA LEU B 204 14.56 -5.22 -23.32
C LEU B 204 15.22 -3.85 -23.22
N GLN B 205 16.13 -3.52 -24.14
CA GLN B 205 16.77 -2.22 -24.13
C GLN B 205 15.79 -1.08 -24.45
N GLU B 206 14.69 -1.41 -25.11
CA GLU B 206 13.66 -0.44 -25.46
C GLU B 206 12.61 -0.30 -24.37
N TYR B 207 12.73 -1.06 -23.29
CA TYR B 207 11.72 -1.24 -22.26
C TYR B 207 12.01 -0.39 -21.04
N ASP B 208 10.96 0.25 -20.51
CA ASP B 208 11.08 1.00 -19.27
C ASP B 208 10.81 0.06 -18.12
N PRO B 209 11.81 -0.31 -17.32
CA PRO B 209 11.57 -1.29 -16.24
C PRO B 209 10.63 -0.79 -15.15
N GLU B 210 10.18 0.46 -15.15
CA GLU B 210 9.13 0.83 -14.20
C GLU B 210 7.88 -0.02 -14.44
N TRP B 211 7.70 -0.51 -15.67
CA TRP B 211 6.71 -1.55 -15.95
C TRP B 211 6.79 -2.66 -14.91
N ALA B 212 8.00 -3.22 -14.73
CA ALA B 212 8.18 -4.33 -13.81
C ALA B 212 7.86 -3.93 -12.38
N ARG B 213 8.22 -2.71 -12.01
CA ARG B 213 7.90 -2.24 -10.66
C ARG B 213 6.39 -2.24 -10.42
N VAL B 214 5.61 -1.73 -11.38
CA VAL B 214 4.19 -1.55 -11.10
C VAL B 214 3.47 -2.90 -11.09
N PHE B 215 3.97 -3.89 -11.83
CA PHE B 215 3.41 -5.24 -11.70
C PHE B 215 3.85 -5.88 -10.39
N TYR B 216 5.13 -5.76 -10.04
CA TYR B 216 5.60 -6.36 -8.80
C TYR B 216 4.92 -5.75 -7.58
N GLU B 217 4.74 -4.44 -7.57
CA GLU B 217 4.18 -3.74 -6.42
C GLU B 217 2.65 -3.74 -6.41
N GLY B 218 2.01 -4.25 -7.46
CA GLY B 218 0.56 -4.34 -7.45
C GLY B 218 -0.18 -3.05 -7.69
N THR B 219 0.50 -2.03 -8.20
CA THR B 219 -0.16 -0.77 -8.51
C THR B 219 -0.71 -0.70 -9.93
N VAL B 220 -0.20 -1.52 -10.85
CA VAL B 220 -0.60 -1.37 -12.25
C VAL B 220 -2.08 -1.61 -12.42
N GLY B 221 -2.65 -2.57 -11.67
CA GLY B 221 -4.06 -2.89 -11.79
C GLY B 221 -4.89 -2.65 -10.55
N LEU B 222 -4.40 -1.81 -9.64
CA LEU B 222 -5.11 -1.60 -8.38
C LEU B 222 -6.53 -1.12 -8.61
N SER B 223 -6.72 -0.19 -9.56
CA SER B 223 -8.05 0.32 -9.88
C SER B 223 -8.70 -0.45 -11.02
N CYS B 224 -8.22 -1.65 -11.33
CA CYS B 224 -8.74 -2.43 -12.44
C CYS B 224 -8.64 -3.92 -12.09
N PRO B 225 -9.46 -4.37 -11.15
CA PRO B 225 -9.45 -5.80 -10.82
C PRO B 225 -9.93 -6.66 -11.99
N HIS B 226 -9.24 -7.78 -12.19
CA HIS B 226 -9.52 -8.60 -13.37
C HIS B 226 -10.92 -9.19 -13.34
N GLU B 227 -11.43 -9.55 -12.15
CA GLU B 227 -12.73 -10.20 -12.12
C GLU B 227 -13.82 -9.27 -12.62
N ARG B 228 -13.73 -7.97 -12.32
CA ARG B 228 -14.72 -7.02 -12.81
C ARG B 228 -14.54 -6.74 -14.29
N MET B 229 -13.29 -6.72 -14.77
CA MET B 229 -13.03 -6.60 -16.20
C MET B 229 -13.62 -7.77 -16.98
N LEU B 230 -13.26 -8.98 -16.58
CA LEU B 230 -13.68 -10.18 -17.31
C LEU B 230 -15.19 -10.34 -17.30
N GLY B 231 -15.83 -9.99 -16.18
CA GLY B 231 -17.27 -10.06 -16.11
C GLY B 231 -18.01 -9.00 -16.90
N GLN B 232 -17.29 -8.08 -17.56
CA GLN B 232 -17.94 -7.01 -18.31
C GLN B 232 -17.47 -6.94 -19.76
N VAL B 233 -16.82 -7.99 -20.28
CA VAL B 233 -16.43 -7.99 -21.68
C VAL B 233 -17.69 -7.91 -22.54
N LYS B 234 -17.55 -7.28 -23.72
CA LYS B 234 -18.69 -7.00 -24.57
C LYS B 234 -18.54 -7.48 -26.00
N THR B 235 -17.46 -8.19 -26.31
CA THR B 235 -17.17 -8.73 -27.63
C THR B 235 -16.85 -10.21 -27.49
N PRO B 236 -16.93 -10.97 -28.57
CA PRO B 236 -16.41 -12.35 -28.52
C PRO B 236 -14.95 -12.36 -28.10
N VAL B 237 -14.55 -13.44 -27.45
CA VAL B 237 -13.20 -13.59 -26.92
C VAL B 237 -12.67 -14.96 -27.30
N LEU B 238 -11.43 -15.00 -27.81
CA LEU B 238 -10.69 -16.24 -27.93
C LEU B 238 -9.54 -16.19 -26.92
N LEU B 239 -9.47 -17.22 -26.08
CA LEU B 239 -8.42 -17.37 -25.07
C LEU B 239 -7.55 -18.55 -25.52
N THR B 240 -6.31 -18.27 -25.88
CA THR B 240 -5.34 -19.32 -26.18
C THR B 240 -4.48 -19.56 -24.95
N HIS B 241 -4.29 -20.83 -24.59
CA HIS B 241 -3.68 -21.23 -23.34
C HIS B 241 -2.49 -22.12 -23.69
N HIS B 242 -1.28 -21.59 -23.52
CA HIS B 242 -0.09 -22.28 -24.00
C HIS B 242 0.48 -23.12 -22.85
N MET B 243 1.79 -23.28 -22.83
CA MET B 243 2.44 -24.07 -21.80
C MET B 243 2.12 -23.54 -20.41
N ARG B 244 1.86 -24.46 -19.47
CA ARG B 244 1.71 -24.11 -18.07
C ARG B 244 1.99 -25.33 -17.21
N GLY B 245 2.55 -25.08 -16.03
CA GLY B 245 2.75 -26.14 -15.07
C GLY B 245 3.11 -25.56 -13.71
N ILE B 246 3.43 -26.46 -12.79
CA ILE B 246 3.84 -26.10 -11.43
C ILE B 246 5.28 -26.53 -11.24
N ASP B 247 6.12 -25.62 -10.76
CA ASP B 247 7.49 -25.95 -10.40
C ASP B 247 7.49 -26.68 -9.06
N PRO B 248 7.93 -27.95 -9.00
CA PRO B 248 7.88 -28.66 -7.71
C PRO B 248 8.77 -28.04 -6.65
N GLU B 249 9.86 -27.39 -7.05
CA GLU B 249 10.81 -26.87 -6.07
C GLU B 249 10.21 -25.72 -5.27
N THR B 250 9.34 -24.92 -5.88
CA THR B 250 8.79 -23.74 -5.22
C THR B 250 7.27 -23.72 -5.14
N GLY B 251 6.58 -24.52 -5.94
CA GLY B 251 5.14 -24.41 -6.08
C GLY B 251 4.69 -23.29 -6.99
N ASN B 252 5.62 -22.55 -7.58
CA ASN B 252 5.27 -21.42 -8.41
C ASN B 252 4.66 -21.86 -9.74
N LEU B 253 3.87 -20.96 -10.31
CA LEU B 253 3.30 -21.18 -11.64
C LEU B 253 4.37 -20.99 -12.71
N LEU B 254 4.42 -21.93 -13.65
CA LEU B 254 5.15 -21.79 -14.90
C LEU B 254 4.13 -21.51 -15.99
N GLY B 255 4.39 -20.53 -16.83
CA GLY B 255 3.43 -20.10 -17.84
C GLY B 255 2.66 -18.86 -17.42
N ALA B 256 1.61 -18.57 -18.19
CA ALA B 256 0.86 -17.34 -18.02
C ALA B 256 -0.25 -17.45 -16.97
N LEU B 257 -1.03 -18.53 -17.01
CA LEU B 257 -2.09 -18.74 -16.03
C LEU B 257 -2.32 -20.24 -15.86
N SER B 258 -2.91 -20.59 -14.72
CA SER B 258 -3.21 -21.98 -14.41
C SER B 258 -4.52 -22.41 -15.09
N ASP B 259 -4.73 -23.73 -15.13
CA ASP B 259 -6.00 -24.21 -15.66
C ASP B 259 -7.16 -23.72 -14.80
N GLU B 260 -6.95 -23.66 -13.48
CA GLU B 260 -7.97 -23.09 -12.60
C GLU B 260 -8.27 -21.65 -12.98
N GLN B 261 -7.23 -20.84 -13.19
CA GLN B 261 -7.45 -19.45 -13.54
C GLN B 261 -8.13 -19.31 -14.88
N ALA B 262 -7.78 -20.15 -15.85
CA ALA B 262 -8.46 -20.11 -17.14
C ALA B 262 -9.95 -20.42 -16.98
N LEU B 263 -10.28 -21.44 -16.19
CA LEU B 263 -11.68 -21.79 -15.98
C LEU B 263 -12.45 -20.63 -15.36
N ARG B 264 -11.90 -20.02 -14.31
CA ARG B 264 -12.61 -18.93 -13.65
C ARG B 264 -12.74 -17.72 -14.58
N ALA B 265 -11.72 -17.46 -15.40
CA ALA B 265 -11.81 -16.38 -16.37
C ALA B 265 -12.93 -16.65 -17.37
N ARG B 266 -12.97 -17.87 -17.92
CA ARG B 266 -14.01 -18.21 -18.89
C ARG B 266 -15.41 -18.11 -18.27
N ARG B 267 -15.55 -18.52 -17.00
CA ARG B 267 -16.85 -18.43 -16.36
C ARG B 267 -17.33 -16.99 -16.27
N LEU B 268 -16.43 -16.06 -15.92
CA LEU B 268 -16.82 -14.67 -15.81
C LEU B 268 -17.22 -14.10 -17.18
N MET B 269 -16.43 -14.41 -18.20
CA MET B 269 -16.71 -13.89 -19.53
C MET B 269 -18.00 -14.48 -20.09
N ASP B 270 -18.26 -15.75 -19.81
CA ASP B 270 -19.53 -16.36 -20.19
C ASP B 270 -20.69 -15.65 -19.53
N SER B 271 -20.56 -15.30 -18.24
CA SER B 271 -21.62 -14.59 -17.55
C SER B 271 -21.84 -13.19 -18.12
N ALA B 272 -20.84 -12.62 -18.80
CA ALA B 272 -21.01 -11.32 -19.42
C ALA B 272 -21.88 -11.38 -20.67
N GLY B 273 -22.18 -12.58 -21.17
CA GLY B 273 -23.07 -12.73 -22.28
C GLY B 273 -22.43 -12.81 -23.64
N VAL B 274 -21.12 -13.03 -23.72
CA VAL B 274 -20.42 -13.07 -25.01
C VAL B 274 -20.09 -14.51 -25.37
N THR B 275 -19.74 -14.71 -26.64
CA THR B 275 -19.17 -15.96 -27.09
C THR B 275 -17.71 -16.03 -26.68
N VAL B 276 -17.34 -17.11 -25.98
CA VAL B 276 -15.98 -17.35 -25.52
C VAL B 276 -15.48 -18.63 -26.15
N ASP B 277 -14.38 -18.57 -26.87
CA ASP B 277 -13.70 -19.74 -27.40
C ASP B 277 -12.40 -19.95 -26.62
N TYR B 278 -12.01 -21.21 -26.48
CA TYR B 278 -10.85 -21.59 -25.67
C TYR B 278 -10.03 -22.61 -26.45
N GLU B 279 -8.76 -22.29 -26.68
CA GLU B 279 -7.85 -23.15 -27.44
C GLU B 279 -6.64 -23.44 -26.57
N SER B 280 -6.50 -24.69 -26.13
CA SER B 280 -5.36 -25.12 -25.34
C SER B 280 -4.27 -25.65 -26.26
N VAL B 281 -3.07 -25.08 -26.13
CA VAL B 281 -1.92 -25.45 -26.94
C VAL B 281 -0.76 -25.67 -25.97
N PRO B 282 -0.78 -26.75 -25.18
CA PRO B 282 0.14 -26.86 -24.04
C PRO B 282 1.60 -27.06 -24.42
N ASP B 283 1.90 -27.25 -25.71
CA ASP B 283 3.27 -27.40 -26.15
C ASP B 283 3.90 -26.11 -26.66
N ALA B 284 3.14 -25.02 -26.71
CA ALA B 284 3.62 -23.78 -27.29
C ALA B 284 4.26 -22.88 -26.24
N SER B 285 5.25 -22.10 -26.67
CA SER B 285 5.78 -21.03 -25.84
C SER B 285 4.74 -19.93 -25.71
N TYR B 286 4.96 -19.01 -24.77
CA TYR B 286 3.93 -17.99 -24.55
C TYR B 286 3.86 -17.02 -25.72
N MET B 287 4.97 -16.77 -26.42
CA MET B 287 4.94 -15.90 -27.59
C MET B 287 4.88 -16.73 -28.88
N MET B 288 3.75 -17.40 -29.04
CA MET B 288 3.55 -18.24 -30.22
C MET B 288 3.61 -17.42 -31.51
N HIS B 289 3.11 -16.18 -31.48
CA HIS B 289 3.13 -15.35 -32.68
C HIS B 289 4.55 -15.12 -33.19
N GLN B 290 5.55 -15.27 -32.33
CA GLN B 290 6.95 -15.10 -32.69
C GLN B 290 7.67 -16.42 -32.84
N SER B 291 7.39 -17.40 -31.97
CA SER B 291 8.09 -18.68 -32.05
C SER B 291 7.47 -19.62 -33.09
N ALA B 292 6.18 -19.47 -33.38
CA ALA B 292 5.49 -20.31 -34.36
C ALA B 292 4.47 -19.45 -35.10
N PRO B 293 4.94 -18.51 -35.93
CA PRO B 293 4.00 -17.54 -36.53
C PRO B 293 2.91 -18.17 -37.37
N ALA B 294 3.23 -19.17 -38.18
CA ALA B 294 2.22 -19.79 -39.03
C ALA B 294 1.13 -20.43 -38.18
N ARG B 295 1.51 -21.11 -37.10
CA ARG B 295 0.51 -21.69 -36.20
C ARG B 295 -0.37 -20.61 -35.58
N TYR B 296 0.24 -19.51 -35.15
CA TYR B 296 -0.52 -18.42 -34.55
C TYR B 296 -1.50 -17.81 -35.54
N VAL B 297 -1.02 -17.51 -36.75
CA VAL B 297 -1.88 -16.87 -37.74
C VAL B 297 -3.00 -17.81 -38.18
N GLU B 298 -2.76 -19.12 -38.17
CA GLU B 298 -3.81 -20.08 -38.48
C GLU B 298 -4.92 -20.01 -37.43
N ILE B 299 -4.57 -20.02 -36.15
CA ILE B 299 -5.57 -19.89 -35.10
C ILE B 299 -6.31 -18.57 -35.25
N PHE B 300 -5.57 -17.47 -35.41
CA PHE B 300 -6.19 -16.15 -35.51
C PHE B 300 -7.17 -16.10 -36.68
N THR B 301 -6.75 -16.53 -37.86
CA THR B 301 -7.59 -16.38 -39.04
C THR B 301 -8.81 -17.28 -38.98
N ARG B 302 -8.63 -18.53 -38.53
CA ARG B 302 -9.76 -19.43 -38.33
C ARG B 302 -10.83 -18.77 -37.47
N TRP B 303 -10.42 -18.20 -36.34
CA TRP B 303 -11.36 -17.59 -35.41
C TRP B 303 -11.90 -16.28 -35.95
N ALA B 304 -11.05 -15.44 -36.54
CA ALA B 304 -11.53 -14.18 -37.07
C ALA B 304 -12.57 -14.39 -38.17
N ALA B 305 -12.42 -15.45 -38.95
CA ALA B 305 -13.40 -15.76 -39.99
C ALA B 305 -14.77 -16.02 -39.37
N ALA B 306 -14.81 -16.72 -38.24
CA ALA B 306 -16.08 -17.04 -37.60
C ALA B 306 -16.71 -15.85 -36.91
N LEU B 307 -15.99 -14.73 -36.79
CA LEU B 307 -16.63 -13.51 -36.29
C LEU B 307 -17.57 -12.90 -37.31
N ALA B 308 -17.39 -13.20 -38.59
CA ALA B 308 -18.27 -12.69 -39.63
C ALA B 308 -19.72 -12.98 -39.24
N PRO B 309 -20.61 -11.99 -39.28
CA PRO B 309 -22.02 -12.26 -38.94
C PRO B 309 -22.57 -13.40 -39.78
N HIS B 310 -22.88 -14.53 -39.12
CA HIS B 310 -23.31 -15.76 -39.78
C HIS B 310 -22.73 -15.93 -41.17
N THR C 3 -27.30 -5.24 23.83
CA THR C 3 -25.89 -5.62 23.80
C THR C 3 -25.08 -4.55 23.08
N SER C 4 -24.00 -4.08 23.71
CA SER C 4 -23.21 -2.97 23.19
C SER C 4 -21.73 -3.29 23.34
N PRO C 5 -21.19 -4.08 22.41
CA PRO C 5 -19.77 -4.46 22.53
C PRO C 5 -18.83 -3.27 22.60
N ALA C 6 -19.18 -2.14 21.99
CA ALA C 6 -18.29 -0.98 22.03
C ALA C 6 -18.08 -0.47 23.46
N LEU C 7 -19.01 -0.74 24.37
CA LEU C 7 -18.89 -0.30 25.74
C LEU C 7 -18.13 -1.30 26.61
N ARG C 8 -17.80 -2.48 26.08
CA ARG C 8 -16.90 -3.42 26.76
C ARG C 8 -17.43 -3.79 28.14
N ASP C 9 -18.75 -3.97 28.20
CA ASP C 9 -19.48 -4.33 29.41
C ASP C 9 -20.20 -5.65 29.23
N VAL C 10 -19.64 -6.55 28.40
CA VAL C 10 -20.36 -7.73 27.93
C VAL C 10 -19.94 -9.01 28.62
N HIS C 11 -18.92 -8.96 29.49
CA HIS C 11 -18.24 -10.18 29.92
C HIS C 11 -19.08 -10.98 30.93
N VAL C 12 -18.81 -12.28 30.97
CA VAL C 12 -19.62 -13.22 31.74
C VAL C 12 -18.70 -14.05 32.63
N PRO C 13 -19.26 -14.75 33.62
CA PRO C 13 -18.43 -15.55 34.52
C PRO C 13 -17.82 -16.74 33.81
N HIS C 14 -16.71 -17.24 34.38
CA HIS C 14 -16.05 -18.44 33.88
C HIS C 14 -15.54 -19.26 35.06
N ALA C 15 -15.00 -20.44 34.75
CA ALA C 15 -14.66 -21.41 35.79
C ALA C 15 -13.40 -21.03 36.55
N TYR C 16 -12.58 -20.14 36.00
CA TYR C 16 -11.35 -19.72 36.65
C TYR C 16 -11.36 -18.22 36.83
N PRO C 17 -10.74 -17.73 37.91
CA PRO C 17 -10.68 -16.28 38.12
C PRO C 17 -9.80 -15.62 37.07
N GLU C 18 -10.14 -14.38 36.74
CA GLU C 18 -9.43 -13.64 35.72
C GLU C 18 -8.45 -12.69 36.41
N GLN C 19 -7.25 -12.61 35.83
CA GLN C 19 -6.14 -11.86 36.38
C GLN C 19 -5.60 -10.93 35.30
N GLN C 20 -4.88 -9.89 35.73
CA GLN C 20 -4.37 -8.88 34.82
C GLN C 20 -2.92 -8.55 35.15
N VAL C 21 -2.15 -8.23 34.11
CA VAL C 21 -0.76 -7.83 34.24
C VAL C 21 -0.51 -6.65 33.31
N ASP C 22 0.24 -5.67 33.80
CA ASP C 22 0.68 -4.55 32.98
C ASP C 22 1.92 -4.99 32.22
N LEU C 23 1.80 -5.07 30.90
CA LEU C 23 2.94 -5.40 30.04
C LEU C 23 3.68 -4.17 29.55
N GLY C 24 3.20 -2.97 29.89
CA GLY C 24 3.78 -1.74 29.41
C GLY C 24 2.78 -0.94 28.61
N GLU C 25 2.70 -1.23 27.31
CA GLU C 25 1.71 -0.58 26.47
C GLU C 25 0.29 -0.99 26.85
N ILE C 26 0.09 -2.27 27.19
CA ILE C 26 -1.24 -2.81 27.39
C ILE C 26 -1.36 -3.49 28.74
N THR C 27 -2.60 -3.65 29.18
CA THR C 27 -2.98 -4.62 30.19
C THR C 27 -3.42 -5.89 29.49
N MET C 28 -2.94 -7.05 29.94
CA MET C 28 -3.39 -8.30 29.35
C MET C 28 -4.09 -9.12 30.42
N ASN C 29 -5.29 -9.58 30.09
CA ASN C 29 -6.11 -10.41 30.96
C ASN C 29 -5.83 -11.88 30.67
N TYR C 30 -5.83 -12.69 31.73
CA TYR C 30 -5.50 -14.09 31.58
C TYR C 30 -6.12 -14.87 32.74
N ALA C 31 -6.05 -16.20 32.62
CA ALA C 31 -6.52 -17.11 33.66
C ALA C 31 -5.48 -18.21 33.81
N GLU C 32 -5.54 -18.89 34.95
CA GLU C 32 -4.50 -19.81 35.39
C GLU C 32 -5.12 -21.04 36.00
N ALA C 33 -4.53 -22.20 35.73
CA ALA C 33 -5.03 -23.45 36.29
C ALA C 33 -3.87 -24.40 36.49
N GLY C 34 -3.99 -25.26 37.50
CA GLY C 34 -3.01 -26.28 37.76
C GLY C 34 -1.99 -25.87 38.80
N ASP C 35 -1.13 -26.81 39.11
CA ASP C 35 -0.18 -26.69 40.22
C ASP C 35 1.08 -25.99 39.73
N PRO C 36 1.52 -24.91 40.37
CA PRO C 36 2.70 -24.18 39.87
C PRO C 36 3.99 -24.98 39.94
N ASP C 37 3.97 -26.20 40.50
CA ASP C 37 5.14 -27.06 40.49
C ASP C 37 5.28 -27.85 39.20
N ARG C 38 4.29 -27.79 38.31
CA ARG C 38 4.29 -28.56 37.08
C ARG C 38 4.84 -27.75 35.92
N PRO C 39 5.20 -28.40 34.83
CA PRO C 39 5.67 -27.65 33.65
C PRO C 39 4.60 -26.69 33.15
N ALA C 40 5.04 -25.51 32.70
CA ALA C 40 4.14 -24.44 32.32
C ALA C 40 3.72 -24.54 30.87
N VAL C 41 2.46 -24.18 30.60
CA VAL C 41 1.86 -24.18 29.28
C VAL C 41 1.19 -22.83 29.06
N LEU C 42 1.31 -22.30 27.84
CA LEU C 42 0.68 -21.05 27.44
C LEU C 42 -0.27 -21.31 26.28
N LEU C 43 -1.54 -20.93 26.44
CA LEU C 43 -2.57 -21.16 25.43
C LEU C 43 -2.98 -19.83 24.80
N ILE C 44 -2.88 -19.75 23.48
CA ILE C 44 -3.19 -18.55 22.70
C ILE C 44 -4.43 -18.85 21.86
N PRO C 45 -5.50 -18.07 22.00
CA PRO C 45 -6.74 -18.39 21.26
C PRO C 45 -6.69 -18.02 19.78
N GLU C 46 -7.70 -18.50 19.07
CA GLU C 46 -8.00 -18.13 17.70
C GLU C 46 -8.49 -16.69 17.63
N GLN C 47 -8.55 -16.15 16.41
CA GLN C 47 -9.12 -14.81 16.23
C GLN C 47 -10.59 -14.83 16.62
N THR C 48 -11.01 -13.79 17.33
CA THR C 48 -12.31 -13.59 17.97
C THR C 48 -12.47 -14.46 19.22
N GLY C 49 -11.44 -15.21 19.62
CA GLY C 49 -11.52 -16.05 20.81
C GLY C 49 -10.80 -15.42 21.99
N SER C 50 -11.46 -15.51 23.15
CA SER C 50 -10.87 -15.10 24.42
C SER C 50 -10.17 -16.30 25.08
N TRP C 51 -9.52 -16.05 26.22
CA TRP C 51 -8.79 -17.10 26.91
C TRP C 51 -9.69 -18.29 27.18
N TRP C 52 -10.97 -18.03 27.47
CA TRP C 52 -11.90 -19.09 27.84
C TRP C 52 -12.37 -19.91 26.64
N SER C 53 -11.89 -19.59 25.43
CA SER C 53 -11.96 -20.56 24.35
C SER C 53 -11.41 -21.91 24.80
N TYR C 54 -10.45 -21.90 25.73
CA TYR C 54 -9.80 -23.10 26.22
C TYR C 54 -10.36 -23.59 27.56
N GLU C 55 -11.55 -23.15 27.93
CA GLU C 55 -12.02 -23.36 29.30
C GLU C 55 -12.03 -24.84 29.68
N GLU C 56 -12.57 -25.70 28.79
CA GLU C 56 -12.66 -27.11 29.12
C GLU C 56 -11.30 -27.80 29.03
N ALA C 57 -10.52 -27.49 27.98
CA ALA C 57 -9.20 -28.11 27.86
C ALA C 57 -8.29 -27.74 29.02
N MET C 58 -8.44 -26.53 29.56
CA MET C 58 -7.62 -26.13 30.71
C MET C 58 -7.81 -27.09 31.87
N GLY C 59 -9.06 -27.47 32.15
CA GLY C 59 -9.31 -28.40 33.24
C GLY C 59 -8.61 -29.72 33.03
N LEU C 60 -8.66 -30.24 31.80
CA LEU C 60 -7.97 -31.50 31.53
C LEU C 60 -6.47 -31.34 31.60
N LEU C 61 -5.95 -30.26 31.02
CA LEU C 61 -4.50 -30.06 31.00
C LEU C 61 -3.95 -29.82 32.40
N SER C 62 -4.76 -29.27 33.30
CA SER C 62 -4.28 -28.91 34.64
C SER C 62 -3.90 -30.12 35.48
N GLU C 63 -4.28 -31.34 35.06
CA GLU C 63 -3.85 -32.53 35.78
C GLU C 63 -2.35 -32.77 35.62
N HIS C 64 -1.73 -32.23 34.57
CA HIS C 64 -0.32 -32.45 34.29
C HIS C 64 0.51 -31.19 34.15
N PHE C 65 -0.11 -30.02 33.97
CA PHE C 65 0.63 -28.82 33.65
C PHE C 65 0.12 -27.64 34.46
N HIS C 66 0.98 -26.63 34.56
CA HIS C 66 0.59 -25.30 35.03
C HIS C 66 0.20 -24.49 33.80
N VAL C 67 -1.09 -24.18 33.66
CA VAL C 67 -1.66 -23.70 32.42
C VAL C 67 -2.03 -22.23 32.55
N TYR C 68 -1.58 -21.42 31.59
CA TYR C 68 -1.99 -20.03 31.44
C TYR C 68 -2.71 -19.88 30.11
N ALA C 69 -3.87 -19.22 30.11
CA ALA C 69 -4.59 -18.88 28.89
C ALA C 69 -4.83 -17.37 28.86
N VAL C 70 -4.59 -16.75 27.70
CA VAL C 70 -4.52 -15.30 27.63
C VAL C 70 -5.54 -14.71 26.67
N ASP C 71 -5.97 -13.49 26.98
CA ASP C 71 -6.64 -12.60 26.04
C ASP C 71 -5.57 -11.78 25.32
N LEU C 72 -5.50 -11.89 24.00
CA LEU C 72 -4.61 -11.01 23.26
C LEU C 72 -5.16 -9.59 23.26
N ARG C 73 -4.29 -8.62 22.97
CA ARG C 73 -4.76 -7.26 22.79
C ARG C 73 -5.86 -7.26 21.72
N GLY C 74 -6.83 -6.36 21.89
CA GLY C 74 -7.99 -6.35 21.02
C GLY C 74 -8.96 -7.48 21.23
N GLN C 75 -8.94 -8.12 22.40
CA GLN C 75 -9.79 -9.27 22.68
C GLN C 75 -10.02 -9.39 24.17
N GLY C 76 -11.23 -9.83 24.54
CA GLY C 76 -11.50 -10.19 25.91
C GLY C 76 -11.51 -8.97 26.82
N ARG C 77 -10.72 -9.07 27.90
CA ARG C 77 -10.55 -7.97 28.85
C ARG C 77 -9.19 -7.30 28.70
N SER C 78 -8.46 -7.57 27.63
CA SER C 78 -7.18 -6.93 27.42
C SER C 78 -7.37 -5.61 26.67
N SER C 79 -6.35 -4.76 26.73
CA SER C 79 -6.43 -3.45 26.12
C SER C 79 -6.82 -3.56 24.65
N TRP C 80 -7.67 -2.64 24.20
CA TRP C 80 -7.88 -2.40 22.78
C TRP C 80 -6.94 -1.26 22.37
N THR C 81 -6.21 -1.46 21.26
CA THR C 81 -5.15 -0.53 20.85
C THR C 81 -5.32 -0.15 19.40
N PRO C 82 -6.14 0.85 19.10
CA PRO C 82 -6.33 1.27 17.70
C PRO C 82 -5.00 1.56 17.02
N LYS C 83 -4.89 1.13 15.76
CA LYS C 83 -3.75 1.34 14.87
C LYS C 83 -2.51 0.56 15.28
N ARG C 84 -2.60 -0.37 16.24
CA ARG C 84 -1.41 -1.06 16.75
C ARG C 84 -1.40 -2.56 16.51
N TYR C 85 -2.35 -3.11 15.77
CA TYR C 85 -2.47 -4.56 15.65
C TYR C 85 -1.54 -5.09 14.57
N SER C 86 -0.52 -5.83 15.00
CA SER C 86 0.44 -6.48 14.10
C SER C 86 0.92 -7.77 14.74
N LEU C 87 1.39 -8.69 13.91
CA LEU C 87 1.93 -9.93 14.45
C LEU C 87 3.08 -9.65 15.42
N ASP C 88 3.90 -8.65 15.12
CA ASP C 88 5.04 -8.40 16.01
C ASP C 88 4.60 -7.79 17.34
N ASN C 89 3.53 -6.99 17.35
CA ASN C 89 3.06 -6.46 18.63
C ASN C 89 2.35 -7.55 19.43
N PHE C 90 1.54 -8.38 18.76
CA PHE C 90 0.96 -9.54 19.42
C PHE C 90 2.04 -10.42 20.04
N GLY C 91 3.09 -10.70 19.26
CA GLY C 91 4.10 -11.66 19.71
C GLY C 91 4.96 -11.12 20.84
N ASN C 92 5.35 -9.86 20.76
CA ASN C 92 6.14 -9.30 21.84
C ASN C 92 5.30 -9.11 23.10
N ASP C 93 3.99 -8.89 22.98
CA ASP C 93 3.14 -8.97 24.16
C ASP C 93 3.34 -10.31 24.86
N LEU C 94 3.36 -11.40 24.09
CA LEU C 94 3.45 -12.73 24.69
C LEU C 94 4.84 -12.97 25.28
N VAL C 95 5.88 -12.45 24.64
CA VAL C 95 7.22 -12.53 25.22
C VAL C 95 7.24 -11.88 26.59
N ARG C 96 6.62 -10.71 26.72
CA ARG C 96 6.58 -10.00 27.99
C ARG C 96 5.74 -10.77 29.01
N PHE C 97 4.65 -11.38 28.56
CA PHE C 97 3.85 -12.19 29.47
C PHE C 97 4.68 -13.32 30.07
N ILE C 98 5.40 -14.05 29.21
CA ILE C 98 6.25 -15.14 29.69
C ILE C 98 7.29 -14.61 30.65
N ALA C 99 7.89 -13.45 30.34
CA ALA C 99 8.98 -12.94 31.16
C ALA C 99 8.48 -12.42 32.50
N LEU C 100 7.29 -11.82 32.53
CA LEU C 100 6.80 -11.16 33.73
C LEU C 100 5.90 -12.03 34.59
N VAL C 101 5.13 -12.92 33.99
CA VAL C 101 4.15 -13.73 34.71
C VAL C 101 4.64 -15.17 34.86
N VAL C 102 4.97 -15.82 33.75
CA VAL C 102 5.30 -17.24 33.81
C VAL C 102 6.67 -17.45 34.46
N LYS C 103 7.68 -16.74 33.97
CA LYS C 103 9.02 -16.72 34.57
C LYS C 103 9.74 -18.06 34.51
N ARG C 104 9.28 -18.96 33.65
CA ARG C 104 10.00 -20.21 33.40
C ARG C 104 9.70 -20.65 31.99
N PRO C 105 10.46 -21.60 31.46
CA PRO C 105 10.21 -22.07 30.08
C PRO C 105 8.80 -22.62 29.94
N VAL C 106 8.22 -22.39 28.77
CA VAL C 106 6.84 -22.75 28.51
C VAL C 106 6.74 -23.59 27.25
N VAL C 107 5.71 -24.43 27.23
CA VAL C 107 5.22 -25.07 26.01
C VAL C 107 4.03 -24.25 25.54
N VAL C 108 4.07 -23.75 24.31
CA VAL C 108 3.05 -22.85 23.79
C VAL C 108 2.16 -23.60 22.81
N ALA C 109 0.84 -23.46 22.98
CA ALA C 109 -0.15 -23.97 22.04
C ALA C 109 -1.04 -22.83 21.59
N GLY C 110 -1.19 -22.68 20.27
CA GLY C 110 -2.06 -21.65 19.74
C GLY C 110 -2.94 -22.14 18.61
N ASN C 111 -4.17 -21.62 18.53
CA ASN C 111 -5.17 -22.05 17.57
C ASN C 111 -5.27 -21.01 16.45
N SER C 112 -5.07 -21.47 15.21
CA SER C 112 -5.19 -20.64 14.00
C SER C 112 -4.28 -19.43 14.14
N SER C 113 -4.80 -18.19 14.14
CA SER C 113 -3.87 -17.06 14.27
C SER C 113 -3.03 -17.19 15.54
N GLY C 114 -3.60 -17.77 16.60
CA GLY C 114 -2.80 -18.08 17.77
C GLY C 114 -1.69 -19.08 17.48
N GLY C 115 -1.93 -20.00 16.54
CA GLY C 115 -0.87 -20.90 16.12
C GLY C 115 0.19 -20.22 15.28
N VAL C 116 -0.22 -19.24 14.46
CA VAL C 116 0.77 -18.39 13.81
C VAL C 116 1.65 -17.72 14.85
N LEU C 117 1.05 -17.26 15.95
CA LEU C 117 1.81 -16.58 16.98
C LEU C 117 2.67 -17.55 17.79
N ALA C 118 2.23 -18.80 17.93
CA ALA C 118 3.08 -19.80 18.57
C ALA C 118 4.35 -20.02 17.76
N ALA C 119 4.23 -20.10 16.43
CA ALA C 119 5.40 -20.20 15.58
C ALA C 119 6.24 -18.93 15.63
N TRP C 120 5.57 -17.77 15.67
CA TRP C 120 6.28 -16.51 15.89
C TRP C 120 7.18 -16.61 17.12
N LEU C 121 6.62 -17.11 18.23
CA LEU C 121 7.41 -17.24 19.45
C LEU C 121 8.54 -18.26 19.28
N SER C 122 8.28 -19.37 18.58
CA SER C 122 9.32 -20.35 18.38
C SER C 122 10.54 -19.72 17.70
N ALA C 123 10.29 -18.83 16.74
CA ALA C 123 11.38 -18.21 16.01
C ALA C 123 11.94 -16.98 16.74
N TYR C 124 11.08 -16.18 17.37
CA TYR C 124 11.40 -14.80 17.71
C TYR C 124 11.28 -14.47 19.20
N SER C 125 11.00 -15.44 20.06
CA SER C 125 10.95 -15.17 21.49
C SER C 125 12.35 -14.82 22.01
N MET C 126 12.45 -14.48 23.28
CA MET C 126 13.76 -14.34 23.90
C MET C 126 14.36 -15.74 24.10
N PRO C 127 15.69 -15.84 24.13
CA PRO C 127 16.32 -17.18 24.13
C PRO C 127 15.87 -18.02 25.32
N GLY C 128 15.51 -19.26 25.05
CA GLY C 128 15.18 -20.22 26.08
C GLY C 128 13.82 -20.05 26.72
N GLN C 129 13.02 -19.09 26.28
CA GLN C 129 11.68 -18.94 26.83
C GLN C 129 10.79 -20.14 26.51
N LEU C 130 11.07 -20.88 25.44
CA LEU C 130 10.17 -21.90 24.93
C LEU C 130 10.82 -23.27 24.90
N ARG C 131 10.01 -24.30 25.22
CA ARG C 131 10.43 -25.68 25.09
C ARG C 131 9.93 -26.34 23.82
N GLY C 132 8.85 -25.81 23.24
CA GLY C 132 8.25 -26.36 22.05
C GLY C 132 6.91 -25.68 21.84
N VAL C 133 6.36 -25.83 20.64
CA VAL C 133 5.09 -25.21 20.33
C VAL C 133 4.18 -26.15 19.55
N LEU C 134 2.89 -25.99 19.80
CA LEU C 134 1.82 -26.69 19.10
C LEU C 134 1.03 -25.65 18.32
N CYS C 135 1.05 -25.77 16.99
CA CYS C 135 0.29 -24.91 16.11
C CYS C 135 -0.96 -25.67 15.68
N GLU C 136 -2.11 -25.29 16.24
CA GLU C 136 -3.38 -25.98 16.03
C GLU C 136 -4.10 -25.35 14.84
N ASP C 137 -4.09 -26.04 13.70
CA ASP C 137 -4.75 -25.59 12.49
C ASP C 137 -4.34 -24.15 12.14
N PRO C 138 -3.05 -23.90 11.95
CA PRO C 138 -2.58 -22.52 11.70
C PRO C 138 -2.75 -22.13 10.25
N PRO C 139 -3.26 -20.91 9.97
CA PRO C 139 -3.30 -20.43 8.58
C PRO C 139 -1.96 -19.88 8.13
N PHE C 140 -0.94 -20.74 8.09
CA PHE C 140 0.32 -20.37 7.46
C PHE C 140 0.05 -20.03 6.00
N PHE C 141 0.54 -18.86 5.57
CA PHE C 141 0.37 -18.33 4.22
C PHE C 141 -1.08 -17.92 3.96
N ALA C 142 -2.04 -18.79 4.30
CA ALA C 142 -3.43 -18.52 3.99
C ALA C 142 -3.99 -17.29 4.68
N SER C 143 -3.36 -16.80 5.75
CA SER C 143 -3.81 -15.59 6.43
C SER C 143 -3.06 -14.35 5.99
N GLU C 144 -2.14 -14.49 5.05
CA GLU C 144 -1.38 -13.38 4.51
C GLU C 144 -2.06 -12.82 3.27
N LEU C 145 -1.88 -11.53 3.02
CA LEU C 145 -2.42 -10.94 1.80
C LEU C 145 -1.61 -11.33 0.58
N VAL C 146 -0.29 -11.46 0.74
CA VAL C 146 0.60 -11.79 -0.37
C VAL C 146 1.48 -12.96 0.03
N PRO C 147 0.92 -14.16 0.18
CA PRO C 147 1.73 -15.29 0.64
C PRO C 147 2.73 -15.76 -0.39
N ALA C 148 3.82 -16.36 0.09
CA ALA C 148 4.78 -16.99 -0.79
C ALA C 148 4.20 -18.23 -1.47
N HIS C 149 3.19 -18.85 -0.87
CA HIS C 149 2.66 -20.13 -1.34
C HIS C 149 1.15 -20.19 -1.17
N GLY C 150 0.45 -20.61 -2.23
CA GLY C 150 -0.94 -20.99 -2.13
C GLY C 150 -1.92 -19.83 -2.07
N HIS C 151 -3.11 -20.14 -1.56
CA HIS C 151 -4.19 -19.18 -1.45
C HIS C 151 -3.82 -18.01 -0.53
N SER C 152 -4.25 -16.81 -0.89
CA SER C 152 -4.16 -15.67 0.00
C SER C 152 -5.37 -15.59 0.93
N VAL C 153 -5.33 -14.63 1.86
CA VAL C 153 -6.45 -14.45 2.78
C VAL C 153 -7.71 -14.05 2.03
N ARG C 154 -7.57 -13.35 0.90
CA ARG C 154 -8.76 -12.97 0.13
C ARG C 154 -9.49 -14.19 -0.42
N GLN C 155 -8.81 -15.33 -0.53
N GLN C 155 -8.81 -15.33 -0.53
CA GLN C 155 -9.41 -16.55 -1.04
CA GLN C 155 -9.39 -16.57 -1.04
C GLN C 155 -9.70 -17.56 0.07
C GLN C 155 -9.68 -17.57 0.07
N GLY C 156 -9.63 -17.13 1.33
CA GLY C 156 -9.91 -18.00 2.46
C GLY C 156 -10.87 -17.35 3.43
N ALA C 157 -10.34 -16.80 4.53
CA ALA C 157 -11.18 -16.18 5.56
C ALA C 157 -11.51 -14.73 5.25
N GLY C 158 -10.86 -14.12 4.25
CA GLY C 158 -11.08 -12.72 3.95
C GLY C 158 -12.51 -12.29 3.75
N PRO C 159 -13.34 -13.10 3.10
CA PRO C 159 -14.76 -12.70 2.95
C PRO C 159 -15.40 -12.39 4.29
N VAL C 160 -15.08 -13.17 5.32
CA VAL C 160 -15.60 -12.91 6.66
C VAL C 160 -14.99 -11.62 7.22
N PHE C 161 -13.68 -11.44 7.07
CA PHE C 161 -13.03 -10.24 7.62
C PHE C 161 -13.58 -8.98 6.95
N GLU C 162 -13.86 -9.05 5.64
CA GLU C 162 -14.44 -7.90 4.95
C GLU C 162 -15.77 -7.48 5.55
N LEU C 163 -16.62 -8.47 5.89
CA LEU C 163 -17.91 -8.17 6.49
C LEU C 163 -17.74 -7.59 7.90
N PHE C 164 -16.83 -8.15 8.68
CA PHE C 164 -16.51 -7.57 9.99
C PHE C 164 -16.06 -6.13 9.86
N ARG C 165 -15.11 -5.87 8.94
CA ARG C 165 -14.59 -4.51 8.77
C ARG C 165 -15.71 -3.53 8.42
N THR C 166 -16.60 -3.93 7.52
CA THR C 166 -17.60 -3.00 7.01
C THR C 166 -18.76 -2.80 7.98
N TYR C 167 -19.29 -3.89 8.54
CA TYR C 167 -20.53 -3.80 9.30
C TYR C 167 -20.34 -3.71 10.81
N LEU C 168 -19.23 -4.22 11.34
CA LEU C 168 -18.92 -4.05 12.76
C LEU C 168 -17.98 -2.88 13.02
N GLY C 169 -16.86 -2.83 12.32
CA GLY C 169 -15.99 -1.66 12.34
C GLY C 169 -15.02 -1.66 13.50
N ASP C 170 -14.02 -0.77 13.39
CA ASP C 170 -13.00 -0.65 14.41
C ASP C 170 -13.65 -0.37 15.76
N GLN C 171 -13.31 -1.19 16.77
CA GLN C 171 -13.84 -1.04 18.13
C GLN C 171 -15.37 -0.98 18.13
N TRP C 172 -15.99 -1.68 17.18
CA TRP C 172 -17.44 -1.76 17.06
C TRP C 172 -18.08 -0.39 16.79
N SER C 173 -17.33 0.48 16.10
CA SER C 173 -17.82 1.84 15.85
C SER C 173 -19.05 1.88 14.96
N VAL C 174 -19.27 0.86 14.12
CA VAL C 174 -20.45 0.83 13.26
C VAL C 174 -21.53 0.01 13.95
N GLY C 175 -21.20 -1.23 14.31
CA GLY C 175 -22.11 -2.04 15.10
C GLY C 175 -23.40 -2.43 14.42
N ASP C 176 -23.40 -2.58 13.10
CA ASP C 176 -24.62 -2.87 12.35
C ASP C 176 -24.77 -4.38 12.22
N TRP C 177 -25.27 -5.00 13.31
CA TRP C 177 -25.42 -6.46 13.31
C TRP C 177 -26.45 -6.92 12.28
N GLU C 178 -27.55 -6.19 12.14
CA GLU C 178 -28.56 -6.57 11.15
C GLU C 178 -27.97 -6.54 9.75
N GLY C 179 -27.26 -5.47 9.41
CA GLY C 179 -26.62 -5.40 8.11
C GLY C 179 -25.58 -6.48 7.93
N PHE C 180 -24.85 -6.82 8.99
CA PHE C 180 -23.89 -7.91 8.90
C PHE C 180 -24.57 -9.21 8.54
N CYS C 181 -25.66 -9.55 9.25
CA CYS C 181 -26.34 -10.81 9.00
C CYS C 181 -26.95 -10.85 7.62
N ARG C 182 -27.49 -9.73 7.15
CA ARG C 182 -28.02 -9.66 5.79
C ARG C 182 -26.94 -9.95 4.76
N ALA C 183 -25.78 -9.33 4.91
CA ALA C 183 -24.69 -9.54 3.96
C ALA C 183 -24.08 -10.93 4.12
N ALA C 184 -23.99 -11.42 5.36
CA ALA C 184 -23.39 -12.73 5.59
C ALA C 184 -24.24 -13.85 5.02
N GLY C 185 -25.57 -13.73 5.16
CA GLY C 185 -26.45 -14.74 4.62
C GLY C 185 -26.34 -14.88 3.12
N ALA C 186 -25.94 -13.81 2.44
CA ALA C 186 -25.80 -13.81 0.99
C ALA C 186 -24.35 -14.00 0.54
N SER C 187 -23.45 -14.33 1.47
CA SER C 187 -22.04 -14.46 1.13
C SER C 187 -21.74 -15.84 0.55
N ALA C 188 -20.78 -15.89 -0.36
CA ALA C 188 -20.35 -17.17 -0.92
C ALA C 188 -19.49 -17.98 0.06
N SER C 189 -19.09 -17.39 1.18
CA SER C 189 -18.24 -18.08 2.14
C SER C 189 -19.12 -18.87 3.10
N PRO C 190 -18.97 -20.21 3.16
CA PRO C 190 -19.69 -20.97 4.19
C PRO C 190 -19.40 -20.48 5.60
N MET C 191 -18.18 -20.03 5.88
CA MET C 191 -17.86 -19.53 7.23
C MET C 191 -18.58 -18.23 7.52
N ALA C 192 -18.75 -17.37 6.51
CA ALA C 192 -19.50 -16.13 6.70
C ALA C 192 -20.95 -16.43 7.03
N ARG C 193 -21.60 -17.28 6.23
CA ARG C 193 -23.00 -17.65 6.45
C ARG C 193 -23.21 -18.27 7.82
N SER C 194 -22.14 -18.74 8.47
CA SER C 194 -22.26 -19.42 9.76
C SER C 194 -22.51 -18.46 10.91
N PHE C 195 -22.26 -17.17 10.73
CA PHE C 195 -22.42 -16.19 11.80
C PHE C 195 -23.83 -15.64 11.90
N VAL C 196 -24.68 -15.88 10.90
CA VAL C 196 -26.03 -15.33 10.89
C VAL C 196 -26.81 -15.89 12.07
N ALA C 197 -27.17 -15.02 13.02
CA ALA C 197 -27.94 -15.43 14.19
C ALA C 197 -28.62 -14.21 14.79
N ASP C 198 -29.66 -14.47 15.57
CA ASP C 198 -30.42 -13.39 16.20
C ASP C 198 -29.52 -12.58 17.13
N GLY C 199 -28.76 -13.25 17.99
CA GLY C 199 -27.88 -12.59 18.92
C GLY C 199 -26.43 -12.65 18.47
N ILE C 200 -25.60 -11.86 19.13
CA ILE C 200 -24.17 -11.80 18.83
C ILE C 200 -23.48 -12.85 19.70
N PRO C 201 -22.72 -13.78 19.12
CA PRO C 201 -22.01 -14.76 19.96
C PRO C 201 -21.17 -14.05 21.01
N GLN C 202 -21.08 -14.67 22.19
CA GLN C 202 -20.36 -14.07 23.31
C GLN C 202 -18.93 -13.72 22.93
N HIS C 203 -18.21 -14.67 22.33
CA HIS C 203 -16.80 -14.45 22.04
C HIS C 203 -16.62 -13.27 21.09
N LEU C 204 -17.56 -13.09 20.14
CA LEU C 204 -17.47 -11.98 19.20
C LEU C 204 -17.82 -10.65 19.88
N GLN C 205 -18.65 -10.68 20.92
CA GLN C 205 -18.92 -9.47 21.69
C GLN C 205 -17.67 -8.92 22.34
N GLU C 206 -16.69 -9.78 22.60
CA GLU C 206 -15.46 -9.38 23.29
C GLU C 206 -14.34 -9.00 22.33
N TYR C 207 -14.63 -8.97 21.02
CA TYR C 207 -13.63 -8.86 19.95
C TYR C 207 -13.59 -7.47 19.37
N ASP C 208 -12.38 -6.96 19.16
CA ASP C 208 -12.19 -5.68 18.46
C ASP C 208 -12.10 -5.96 16.97
N PRO C 209 -13.11 -5.58 16.17
CA PRO C 209 -13.08 -5.92 14.74
C PRO C 209 -12.00 -5.24 13.93
N GLU C 210 -11.21 -4.32 14.50
CA GLU C 210 -10.03 -3.85 13.77
C GLU C 210 -9.07 -5.00 13.50
N TRP C 211 -9.11 -6.05 14.32
CA TRP C 211 -8.42 -7.29 14.01
C TRP C 211 -8.70 -7.71 12.56
N ALA C 212 -9.97 -7.71 12.18
CA ALA C 212 -10.35 -8.17 10.84
C ALA C 212 -9.80 -7.24 9.78
N ARG C 213 -9.82 -5.93 10.05
CA ARG C 213 -9.28 -4.98 9.09
C ARG C 213 -7.82 -5.26 8.77
N VAL C 214 -7.00 -5.50 9.80
CA VAL C 214 -5.57 -5.60 9.55
C VAL C 214 -5.23 -6.92 8.85
N PHE C 215 -6.05 -7.96 9.03
CA PHE C 215 -5.86 -9.16 8.23
C PHE C 215 -6.32 -8.94 6.79
N TYR C 216 -7.52 -8.36 6.63
CA TYR C 216 -8.05 -8.15 5.30
C TYR C 216 -7.17 -7.22 4.47
N GLU C 217 -6.62 -6.17 5.09
CA GLU C 217 -5.82 -5.18 4.39
C GLU C 217 -4.35 -5.57 4.28
N GLY C 218 -3.93 -6.67 4.91
CA GLY C 218 -2.57 -7.13 4.78
C GLY C 218 -1.55 -6.32 5.55
N THR C 219 -1.98 -5.55 6.54
CA THR C 219 -1.02 -4.80 7.35
C THR C 219 -0.55 -5.58 8.58
N VAL C 220 -1.35 -6.52 9.06
CA VAL C 220 -1.02 -7.21 10.32
C VAL C 220 0.33 -7.91 10.21
N GLY C 221 0.64 -8.46 9.04
CA GLY C 221 1.89 -9.18 8.87
C GLY C 221 2.84 -8.59 7.86
N LEU C 222 2.69 -7.32 7.54
CA LEU C 222 3.51 -6.71 6.50
C LEU C 222 5.00 -6.87 6.81
N SER C 223 5.40 -6.59 8.05
CA SER C 223 6.80 -6.69 8.45
C SER C 223 7.15 -8.05 9.06
N CYS C 224 6.34 -9.07 8.79
CA CYS C 224 6.56 -10.40 9.36
C CYS C 224 6.09 -11.45 8.36
N PRO C 225 6.80 -11.59 7.24
CA PRO C 225 6.43 -12.63 6.27
C PRO C 225 6.58 -14.02 6.86
N HIS C 226 5.61 -14.88 6.53
CA HIS C 226 5.56 -16.20 7.14
C HIS C 226 6.77 -17.05 6.75
N GLU C 227 7.25 -16.93 5.51
CA GLU C 227 8.37 -17.77 5.10
C GLU C 227 9.61 -17.51 5.95
N ARG C 228 9.86 -16.24 6.31
CA ARG C 228 11.04 -15.94 7.10
C ARG C 228 10.87 -16.37 8.55
N MET C 229 9.63 -16.31 9.06
CA MET C 229 9.36 -16.81 10.40
C MET C 229 9.49 -18.32 10.46
N LEU C 230 8.81 -19.03 9.57
CA LEU C 230 8.86 -20.48 9.58
C LEU C 230 10.30 -20.98 9.41
N GLY C 231 11.08 -20.29 8.58
CA GLY C 231 12.44 -20.70 8.34
C GLY C 231 13.40 -20.45 9.48
N GLN C 232 12.92 -19.90 10.60
CA GLN C 232 13.78 -19.53 11.71
C GLN C 232 13.27 -20.03 13.07
N VAL C 233 12.32 -20.97 13.09
CA VAL C 233 11.88 -21.55 14.35
C VAL C 233 13.09 -22.17 15.05
N LYS C 234 13.05 -22.19 16.38
CA LYS C 234 14.17 -22.65 17.18
C LYS C 234 13.78 -23.72 18.20
N THR C 235 12.54 -24.19 18.17
CA THR C 235 12.07 -25.21 19.08
C THR C 235 11.36 -26.30 18.29
N PRO C 236 11.14 -27.47 18.89
CA PRO C 236 10.23 -28.44 18.28
C PRO C 236 8.87 -27.82 17.99
N VAL C 237 8.22 -28.35 16.96
CA VAL C 237 6.93 -27.86 16.49
C VAL C 237 6.02 -29.04 16.20
N LEU C 238 4.81 -29.00 16.74
CA LEU C 238 3.72 -29.88 16.30
C LEU C 238 2.72 -29.06 15.51
N LEU C 239 2.53 -29.43 14.25
CA LEU C 239 1.54 -28.79 13.37
C LEU C 239 0.35 -29.72 13.25
N THR C 240 -0.81 -29.30 13.76
CA THR C 240 -2.03 -30.07 13.57
C THR C 240 -2.87 -29.43 12.46
N HIS C 241 -3.38 -30.28 11.58
CA HIS C 241 -4.02 -29.86 10.33
C HIS C 241 -5.41 -30.47 10.30
N HIS C 242 -6.44 -29.64 10.46
CA HIS C 242 -7.80 -30.13 10.61
C HIS C 242 -8.50 -30.14 9.25
N MET C 243 -9.82 -29.91 9.24
CA MET C 243 -10.57 -29.93 8.00
C MET C 243 -10.04 -28.92 6.99
N ARG C 244 -9.92 -29.36 5.74
CA ARG C 244 -9.59 -28.43 4.65
C ARG C 244 -10.13 -28.95 3.34
N GLY C 245 -10.47 -28.02 2.45
CA GLY C 245 -10.95 -28.38 1.13
C GLY C 245 -11.09 -27.15 0.26
N ILE C 246 -11.57 -27.38 -0.96
CA ILE C 246 -11.79 -26.33 -1.94
C ILE C 246 -13.26 -26.25 -2.26
N ASP C 247 -13.83 -25.05 -2.18
CA ASP C 247 -15.21 -24.83 -2.57
C ASP C 247 -15.32 -24.81 -4.09
N PRO C 248 -16.02 -25.77 -4.69
CA PRO C 248 -16.14 -25.76 -6.16
C PRO C 248 -16.75 -24.49 -6.71
N GLU C 249 -17.66 -23.87 -5.96
CA GLU C 249 -18.42 -22.74 -6.48
C GLU C 249 -17.52 -21.52 -6.69
N THR C 250 -16.50 -21.35 -5.85
CA THR C 250 -15.63 -20.19 -5.90
C THR C 250 -14.16 -20.53 -6.10
N GLY C 251 -13.75 -21.75 -5.80
CA GLY C 251 -12.35 -22.10 -5.76
C GLY C 251 -11.62 -21.69 -4.50
N ASN C 252 -12.33 -21.08 -3.55
CA ASN C 252 -11.69 -20.61 -2.33
C ASN C 252 -11.30 -21.78 -1.42
N LEU C 253 -10.32 -21.53 -0.56
CA LEU C 253 -9.91 -22.49 0.45
C LEU C 253 -10.96 -22.56 1.56
N LEU C 254 -11.30 -23.79 1.96
CA LEU C 254 -12.04 -24.06 3.18
C LEU C 254 -11.07 -24.59 4.22
N GLY C 255 -11.18 -24.10 5.45
CA GLY C 255 -10.25 -24.47 6.50
C GLY C 255 -9.12 -23.46 6.65
N ALA C 256 -8.11 -23.88 7.41
CA ALA C 256 -7.05 -22.96 7.81
C ALA C 256 -5.95 -22.85 6.76
N LEU C 257 -5.51 -23.97 6.19
CA LEU C 257 -4.46 -23.94 5.18
C LEU C 257 -4.58 -25.20 4.32
N SER C 258 -4.07 -25.09 3.09
CA SER C 258 -4.12 -26.19 2.15
C SER C 258 -3.03 -27.21 2.44
N ASP C 259 -3.17 -28.40 1.85
CA ASP C 259 -2.10 -29.39 1.96
C ASP C 259 -0.78 -28.84 1.43
N GLU C 260 -0.83 -28.06 0.34
CA GLU C 260 0.40 -27.50 -0.20
C GLU C 260 1.02 -26.50 0.76
N GLN C 261 0.19 -25.65 1.39
CA GLN C 261 0.74 -24.69 2.35
C GLN C 261 1.35 -25.41 3.55
N ALA C 262 0.67 -26.45 4.05
CA ALA C 262 1.25 -27.24 5.13
C ALA C 262 2.58 -27.85 4.72
N LEU C 263 2.67 -28.37 3.49
CA LEU C 263 3.91 -28.97 3.03
C LEU C 263 5.04 -27.95 3.02
N ARG C 264 4.79 -26.77 2.43
CA ARG C 264 5.84 -25.76 2.33
C ARG C 264 6.24 -25.24 3.71
N ALA C 265 5.27 -25.10 4.62
CA ALA C 265 5.59 -24.69 5.97
C ALA C 265 6.47 -25.72 6.66
N ARG C 266 6.15 -27.00 6.53
CA ARG C 266 6.95 -28.04 7.17
C ARG C 266 8.38 -28.05 6.62
N ARG C 267 8.52 -27.90 5.30
CA ARG C 267 9.86 -27.85 4.71
C ARG C 267 10.66 -26.69 5.29
N LEU C 268 10.01 -25.54 5.46
CA LEU C 268 10.70 -24.37 5.99
C LEU C 268 11.17 -24.62 7.42
N MET C 269 10.29 -25.15 8.28
CA MET C 269 10.72 -25.40 9.65
C MET C 269 11.74 -26.53 9.74
N ASP C 270 11.64 -27.53 8.85
CA ASP C 270 12.64 -28.58 8.84
C ASP C 270 14.02 -28.01 8.48
N SER C 271 14.05 -27.04 7.57
CA SER C 271 15.32 -26.42 7.19
C SER C 271 15.92 -25.59 8.31
N ALA C 272 15.10 -25.18 9.28
CA ALA C 272 15.60 -24.46 10.45
C ALA C 272 16.32 -25.37 11.44
N GLY C 273 16.21 -26.68 11.28
CA GLY C 273 16.94 -27.60 12.12
C GLY C 273 16.20 -28.11 13.35
N VAL C 274 14.88 -28.00 13.38
CA VAL C 274 14.11 -28.44 14.54
C VAL C 274 13.33 -29.70 14.17
N THR C 275 12.82 -30.37 15.21
CA THR C 275 11.93 -31.51 15.01
C THR C 275 10.52 -31.00 14.75
N VAL C 276 9.96 -31.37 13.60
CA VAL C 276 8.61 -30.96 13.21
C VAL C 276 7.75 -32.20 13.14
N ASP C 277 6.71 -32.24 13.96
CA ASP C 277 5.70 -33.30 13.90
C ASP C 277 4.45 -32.74 13.24
N TYR C 278 3.76 -33.61 12.50
CA TYR C 278 2.58 -33.22 11.73
C TYR C 278 1.48 -34.23 12.02
N GLU C 279 0.35 -33.74 12.53
CA GLU C 279 -0.80 -34.56 12.85
C GLU C 279 -1.97 -34.09 11.99
N SER C 280 -2.48 -34.98 11.15
CA SER C 280 -3.57 -34.64 10.25
C SER C 280 -4.87 -35.23 10.79
N VAL C 281 -5.83 -34.36 11.08
CA VAL C 281 -7.14 -34.74 11.61
C VAL C 281 -8.19 -34.14 10.68
N PRO C 282 -8.38 -34.69 9.48
CA PRO C 282 -9.18 -34.01 8.46
C PRO C 282 -10.65 -33.87 8.81
N ASP C 283 -11.11 -34.56 9.86
CA ASP C 283 -12.51 -34.52 10.24
C ASP C 283 -12.81 -33.51 11.33
N ALA C 284 -11.79 -32.88 11.90
CA ALA C 284 -11.97 -31.98 13.03
C ALA C 284 -12.28 -30.57 12.57
N SER C 285 -13.06 -29.86 13.37
CA SER C 285 -13.22 -28.43 13.17
C SER C 285 -11.93 -27.71 13.55
N TYR C 286 -11.80 -26.47 13.11
CA TYR C 286 -10.52 -25.78 13.36
C TYR C 286 -10.30 -25.57 14.86
N MET C 287 -11.37 -25.47 15.64
CA MET C 287 -11.28 -25.24 17.08
C MET C 287 -11.43 -26.55 17.86
N MET C 288 -10.54 -27.50 17.57
CA MET C 288 -10.64 -28.80 18.21
C MET C 288 -10.49 -28.71 19.72
N HIS C 289 -9.67 -27.80 20.23
CA HIS C 289 -9.50 -27.72 21.68
C HIS C 289 -10.82 -27.41 22.37
N GLN C 290 -11.79 -26.87 21.64
CA GLN C 290 -13.11 -26.54 22.16
C GLN C 290 -14.19 -27.53 21.72
N SER C 291 -14.14 -27.98 20.46
CA SER C 291 -15.15 -28.90 19.97
C SER C 291 -14.87 -30.34 20.38
N ALA C 292 -13.60 -30.70 20.61
CA ALA C 292 -13.21 -32.05 21.03
C ALA C 292 -12.08 -31.93 22.03
N PRO C 293 -12.38 -31.43 23.24
CA PRO C 293 -11.29 -31.10 24.17
C PRO C 293 -10.43 -32.28 24.57
N ALA C 294 -11.03 -33.43 24.85
CA ALA C 294 -10.25 -34.59 25.27
C ALA C 294 -9.33 -35.07 24.16
N ARG C 295 -9.83 -35.09 22.92
CA ARG C 295 -8.99 -35.46 21.78
C ARG C 295 -7.82 -34.50 21.64
N TYR C 296 -8.08 -33.20 21.74
CA TYR C 296 -7.01 -32.21 21.66
C TYR C 296 -5.97 -32.44 22.75
N VAL C 297 -6.42 -32.63 24.00
CA VAL C 297 -5.48 -32.78 25.10
C VAL C 297 -4.69 -34.08 24.96
N GLU C 298 -5.32 -35.13 24.40
CA GLU C 298 -4.59 -36.36 24.12
C GLU C 298 -3.41 -36.10 23.18
N ILE C 299 -3.69 -35.50 22.03
CA ILE C 299 -2.63 -35.14 21.09
C ILE C 299 -1.58 -34.28 21.78
N PHE C 300 -2.02 -33.26 22.50
CA PHE C 300 -1.09 -32.35 23.18
C PHE C 300 -0.14 -33.11 24.10
N THR C 301 -0.68 -33.94 24.98
CA THR C 301 0.13 -34.53 26.04
C THR C 301 1.08 -35.58 25.49
N ARG C 302 0.61 -36.39 24.53
CA ARG C 302 1.48 -37.33 23.84
C ARG C 302 2.74 -36.61 23.34
N TRP C 303 2.55 -35.53 22.59
CA TRP C 303 3.69 -34.82 22.00
C TRP C 303 4.51 -34.11 23.07
N ALA C 304 3.83 -33.48 24.04
CA ALA C 304 4.54 -32.76 25.08
C ALA C 304 5.48 -33.67 25.86
N ALA C 305 5.11 -34.94 26.02
CA ALA C 305 5.90 -35.84 26.85
C ALA C 305 7.25 -36.19 26.22
N ALA C 306 7.39 -36.02 24.91
CA ALA C 306 8.58 -36.46 24.19
C ALA C 306 9.55 -35.32 23.89
N LEU C 307 9.36 -34.16 24.49
CA LEU C 307 10.25 -33.03 24.26
C LEU C 307 11.60 -33.26 24.94
N PRO D 5 30.68 -4.11 1.65
CA PRO D 5 29.62 -4.03 2.67
C PRO D 5 28.63 -5.19 2.59
N ALA D 6 28.43 -5.74 1.39
CA ALA D 6 27.49 -6.86 1.26
C ALA D 6 28.02 -8.11 1.94
N LEU D 7 29.34 -8.27 2.05
CA LEU D 7 29.92 -9.39 2.74
C LEU D 7 30.11 -9.15 4.23
N ARG D 8 29.88 -7.92 4.70
CA ARG D 8 29.90 -7.61 6.12
C ARG D 8 31.25 -7.96 6.75
N ASP D 9 32.32 -7.70 6.00
CA ASP D 9 33.69 -7.87 6.50
C ASP D 9 34.40 -6.52 6.62
N VAL D 10 33.64 -5.43 6.74
CA VAL D 10 34.21 -4.09 6.66
C VAL D 10 34.61 -3.52 8.01
N HIS D 11 34.33 -4.22 9.10
CA HIS D 11 34.38 -3.61 10.43
C HIS D 11 35.81 -3.39 10.88
N VAL D 12 35.98 -2.41 11.77
CA VAL D 12 37.30 -1.99 12.23
C VAL D 12 37.31 -1.87 13.75
N PRO D 13 38.48 -1.76 14.38
CA PRO D 13 38.54 -1.61 15.84
C PRO D 13 38.18 -0.20 16.28
N HIS D 14 37.88 -0.08 17.57
CA HIS D 14 37.40 1.16 18.15
C HIS D 14 37.96 1.30 19.55
N ALA D 15 37.71 2.46 20.16
CA ALA D 15 38.29 2.78 21.47
C ALA D 15 37.72 1.91 22.59
N TYR D 16 36.69 1.11 22.33
CA TYR D 16 36.12 0.25 23.35
C TYR D 16 35.96 -1.16 22.82
N PRO D 17 36.13 -2.17 23.67
CA PRO D 17 35.85 -3.54 23.24
C PRO D 17 34.37 -3.74 22.99
N GLU D 18 34.06 -4.58 22.02
CA GLU D 18 32.69 -4.82 21.61
C GLU D 18 32.20 -6.16 22.17
N GLN D 19 30.94 -6.19 22.55
CA GLN D 19 30.30 -7.37 23.11
C GLN D 19 29.05 -7.69 22.29
N GLN D 20 28.66 -8.96 22.32
CA GLN D 20 27.47 -9.41 21.60
C GLN D 20 26.55 -10.15 22.56
N VAL D 21 25.24 -9.99 22.36
CA VAL D 21 24.24 -10.66 23.16
C VAL D 21 23.17 -11.23 22.24
N ASP D 22 22.68 -12.42 22.57
CA ASP D 22 21.60 -13.06 21.83
C ASP D 22 20.26 -12.59 22.41
N LEU D 23 19.51 -11.85 21.61
CA LEU D 23 18.20 -11.34 22.01
C LEU D 23 17.06 -12.25 21.56
N GLY D 24 17.37 -13.32 20.83
CA GLY D 24 16.35 -14.21 20.29
C GLY D 24 16.43 -14.25 18.76
N GLU D 25 15.66 -13.38 18.12
CA GLU D 25 15.73 -13.27 16.66
C GLU D 25 17.11 -12.81 16.20
N ILE D 26 17.69 -11.83 16.89
CA ILE D 26 18.93 -11.20 16.44
C ILE D 26 20.01 -11.34 17.49
N THR D 27 21.25 -11.16 17.03
CA THR D 27 22.40 -10.86 17.88
C THR D 27 22.59 -9.34 17.86
N MET D 28 22.75 -8.74 19.04
CA MET D 28 23.00 -7.31 19.15
C MET D 28 24.44 -7.07 19.60
N ASN D 29 25.16 -6.25 18.84
CA ASN D 29 26.51 -5.80 19.17
C ASN D 29 26.43 -4.49 19.92
N TYR D 30 27.32 -4.31 20.90
CA TYR D 30 27.32 -3.09 21.70
C TYR D 30 28.68 -2.88 22.36
N ALA D 31 28.83 -1.72 22.97
CA ALA D 31 30.00 -1.37 23.75
C ALA D 31 29.56 -0.77 25.08
N GLU D 32 30.44 -0.87 26.06
CA GLU D 32 30.15 -0.53 27.45
C GLU D 32 31.26 0.36 27.99
N ALA D 33 30.89 1.26 28.90
CA ALA D 33 31.87 2.16 29.48
C ALA D 33 31.33 2.70 30.80
N GLY D 34 32.23 2.97 31.73
CA GLY D 34 31.88 3.52 33.02
C GLY D 34 31.84 2.46 34.11
N ASP D 35 31.48 2.92 35.32
CA ASP D 35 31.47 2.07 36.50
C ASP D 35 30.12 1.41 36.68
N PRO D 36 30.06 0.10 36.91
CA PRO D 36 28.74 -0.56 37.01
C PRO D 36 27.87 -0.06 38.16
N ASP D 37 28.41 0.74 39.08
CA ASP D 37 27.61 1.26 40.18
C ASP D 37 26.97 2.61 39.86
N ARG D 38 27.35 3.24 38.74
CA ARG D 38 26.75 4.50 38.34
C ARG D 38 25.41 4.27 37.66
N PRO D 39 24.58 5.30 37.54
CA PRO D 39 23.29 5.14 36.86
C PRO D 39 23.50 4.71 35.41
N ALA D 40 22.60 3.84 34.93
CA ALA D 40 22.75 3.26 33.60
C ALA D 40 22.19 4.18 32.53
N VAL D 41 22.91 4.23 31.39
CA VAL D 41 22.52 5.01 30.23
C VAL D 41 22.57 4.12 29.00
N LEU D 42 21.60 4.29 28.11
CA LEU D 42 21.55 3.58 26.82
C LEU D 42 21.52 4.60 25.70
N LEU D 43 22.47 4.50 24.78
CA LEU D 43 22.58 5.42 23.65
C LEU D 43 22.19 4.71 22.35
N ILE D 44 21.26 5.30 21.61
CA ILE D 44 20.75 4.74 20.37
C ILE D 44 21.21 5.61 19.21
N PRO D 45 21.94 5.08 18.23
CA PRO D 45 22.45 5.93 17.15
C PRO D 45 21.35 6.35 16.18
N GLU D 46 21.71 7.33 15.35
CA GLU D 46 20.92 7.76 14.22
C GLU D 46 20.93 6.69 13.13
N GLN D 47 20.09 6.87 12.11
CA GLN D 47 20.10 5.94 10.98
C GLN D 47 21.42 6.05 10.23
N THR D 48 21.98 4.90 9.87
CA THR D 48 23.31 4.69 9.27
C THR D 48 24.42 4.78 10.32
N GLY D 49 24.10 5.04 11.58
CA GLY D 49 25.11 5.17 12.62
C GLY D 49 25.22 3.89 13.43
N SER D 50 26.46 3.49 13.67
CA SER D 50 26.75 2.39 14.58
C SER D 50 26.93 2.92 16.00
N TRP D 51 27.09 2.00 16.95
CA TRP D 51 27.23 2.40 18.35
C TRP D 51 28.35 3.42 18.51
N TRP D 52 29.43 3.29 17.74
CA TRP D 52 30.57 4.17 17.89
C TRP D 52 30.33 5.56 17.35
N SER D 53 29.13 5.82 16.81
CA SER D 53 28.70 7.20 16.62
C SER D 53 28.84 7.99 17.92
N TYR D 54 28.76 7.31 19.07
CA TYR D 54 28.77 7.94 20.38
C TYR D 54 30.12 7.82 21.09
N GLU D 55 31.19 7.50 20.36
CA GLU D 55 32.44 7.12 21.01
C GLU D 55 32.98 8.24 21.89
N GLU D 56 32.96 9.48 21.39
CA GLU D 56 33.47 10.60 22.18
C GLU D 56 32.57 10.87 23.38
N ALA D 57 31.27 10.95 23.15
CA ALA D 57 30.34 11.24 24.23
C ALA D 57 30.37 10.15 25.31
N MET D 58 30.63 8.90 24.92
CA MET D 58 30.77 7.84 25.91
C MET D 58 31.87 8.15 26.91
N GLY D 59 33.04 8.55 26.42
CA GLY D 59 34.13 8.90 27.32
C GLY D 59 33.71 9.92 28.36
N LEU D 60 33.02 10.98 27.92
CA LEU D 60 32.62 12.03 28.84
C LEU D 60 31.48 11.60 29.75
N LEU D 61 30.57 10.77 29.25
CA LEU D 61 29.46 10.31 30.06
C LEU D 61 29.88 9.25 31.08
N SER D 62 30.99 8.54 30.82
CA SER D 62 31.38 7.44 31.68
C SER D 62 31.92 7.89 33.02
N GLU D 63 32.30 9.17 33.15
CA GLU D 63 32.68 9.69 34.46
C GLU D 63 31.50 9.66 35.43
N HIS D 64 30.28 9.80 34.90
CA HIS D 64 29.09 9.90 35.73
C HIS D 64 28.13 8.72 35.56
N PHE D 65 28.21 8.00 34.45
CA PHE D 65 27.21 7.01 34.11
C PHE D 65 27.85 5.71 33.69
N HIS D 66 27.07 4.63 33.83
CA HIS D 66 27.37 3.35 33.19
C HIS D 66 26.66 3.35 31.84
N VAL D 67 27.44 3.45 30.76
CA VAL D 67 26.92 3.78 29.44
C VAL D 67 26.96 2.55 28.54
N TYR D 68 25.84 2.27 27.90
CA TYR D 68 25.76 1.27 26.84
C TYR D 68 25.43 1.97 25.53
N ALA D 69 26.13 1.60 24.46
CA ALA D 69 25.87 2.07 23.11
C ALA D 69 25.69 0.85 22.22
N VAL D 70 24.62 0.84 21.42
CA VAL D 70 24.22 -0.37 20.71
C VAL D 70 24.22 -0.15 19.21
N ASP D 71 24.44 -1.24 18.48
CA ASP D 71 24.12 -1.34 17.06
C ASP D 71 22.70 -1.88 16.94
N LEU D 72 21.82 -1.14 16.27
CA LEU D 72 20.49 -1.67 16.00
C LEU D 72 20.58 -2.75 14.92
N ARG D 73 19.54 -3.58 14.83
CA ARG D 73 19.48 -4.54 13.73
C ARG D 73 19.59 -3.78 12.41
N GLY D 74 20.24 -4.40 11.43
CA GLY D 74 20.52 -3.73 10.18
C GLY D 74 21.66 -2.73 10.23
N GLN D 75 22.52 -2.80 11.24
CA GLN D 75 23.57 -1.83 11.43
C GLN D 75 24.73 -2.44 12.19
N GLY D 76 25.94 -2.02 11.85
CA GLY D 76 27.11 -2.40 12.64
C GLY D 76 27.36 -3.88 12.56
N ARG D 77 27.53 -4.51 13.73
CA ARG D 77 27.76 -5.94 13.85
C ARG D 77 26.52 -6.69 14.32
N SER D 78 25.38 -6.01 14.42
CA SER D 78 24.13 -6.67 14.76
C SER D 78 23.54 -7.34 13.53
N SER D 79 22.64 -8.29 13.79
CA SER D 79 22.04 -9.05 12.70
C SER D 79 21.39 -8.14 11.67
N TRP D 80 21.58 -8.50 10.39
CA TRP D 80 20.78 -7.95 9.30
C TRP D 80 19.57 -8.88 9.13
N THR D 81 18.37 -8.30 9.09
CA THR D 81 17.13 -9.06 9.08
C THR D 81 16.24 -8.59 7.93
N PRO D 82 16.41 -9.15 6.73
CA PRO D 82 15.59 -8.73 5.59
C PRO D 82 14.11 -8.88 5.89
N LYS D 83 13.34 -7.88 5.44
CA LYS D 83 11.89 -7.85 5.51
C LYS D 83 11.34 -7.62 6.91
N ARG D 84 12.20 -7.34 7.90
CA ARG D 84 11.79 -7.27 9.29
C ARG D 84 11.97 -5.90 9.94
N TYR D 85 12.28 -4.86 9.18
CA TYR D 85 12.64 -3.57 9.78
C TYR D 85 11.38 -2.77 10.04
N SER D 86 11.06 -2.58 11.32
CA SER D 86 9.92 -1.77 11.73
C SER D 86 10.24 -1.14 13.07
N LEU D 87 9.53 -0.05 13.39
CA LEU D 87 9.76 0.61 14.67
C LEU D 87 9.52 -0.35 15.82
N ASP D 88 8.52 -1.22 15.72
CA ASP D 88 8.19 -2.12 16.82
C ASP D 88 9.24 -3.21 16.99
N ASN D 89 9.87 -3.65 15.90
CA ASN D 89 10.93 -4.65 16.04
C ASN D 89 12.21 -4.00 16.56
N PHE D 90 12.57 -2.82 16.04
CA PHE D 90 13.65 -2.04 16.65
C PHE D 90 13.39 -1.84 18.15
N GLY D 91 12.19 -1.38 18.49
CA GLY D 91 11.89 -1.05 19.87
C GLY D 91 11.95 -2.26 20.79
N ASN D 92 11.36 -3.38 20.36
CA ASN D 92 11.35 -4.54 21.25
C ASN D 92 12.73 -5.17 21.36
N ASP D 93 13.57 -5.04 20.33
CA ASP D 93 14.97 -5.39 20.50
C ASP D 93 15.57 -4.65 21.69
N LEU D 94 15.28 -3.35 21.80
CA LEU D 94 15.88 -2.54 22.86
C LEU D 94 15.29 -2.89 24.21
N VAL D 95 13.99 -3.17 24.27
CA VAL D 95 13.38 -3.69 25.50
C VAL D 95 14.13 -4.93 25.97
N ARG D 96 14.39 -5.85 25.03
CA ARG D 96 15.11 -7.07 25.38
C ARG D 96 16.53 -6.76 25.84
N PHE D 97 17.19 -5.80 25.19
CA PHE D 97 18.56 -5.47 25.58
C PHE D 97 18.61 -4.96 27.02
N ILE D 98 17.67 -4.08 27.38
CA ILE D 98 17.63 -3.59 28.76
C ILE D 98 17.40 -4.74 29.71
N ALA D 99 16.50 -5.65 29.36
CA ALA D 99 16.10 -6.70 30.29
C ALA D 99 17.20 -7.75 30.47
N LEU D 100 17.96 -8.04 29.41
CA LEU D 100 18.95 -9.10 29.47
C LEU D 100 20.36 -8.62 29.79
N VAL D 101 20.70 -7.38 29.40
CA VAL D 101 22.06 -6.88 29.58
C VAL D 101 22.11 -5.85 30.71
N VAL D 102 21.32 -4.79 30.61
CA VAL D 102 21.43 -3.71 31.59
C VAL D 102 20.89 -4.15 32.94
N LYS D 103 19.67 -4.69 32.95
CA LYS D 103 19.06 -5.28 34.14
C LYS D 103 18.82 -4.26 35.24
N ARG D 104 18.79 -2.98 34.89
CA ARG D 104 18.50 -1.89 35.79
C ARG D 104 17.73 -0.83 35.02
N PRO D 105 16.98 0.02 35.73
CA PRO D 105 16.38 1.18 35.05
C PRO D 105 17.43 1.99 34.32
N VAL D 106 17.06 2.54 33.17
CA VAL D 106 18.00 3.23 32.30
C VAL D 106 17.46 4.61 31.93
N VAL D 107 18.39 5.52 31.68
CA VAL D 107 18.12 6.76 30.95
C VAL D 107 18.53 6.54 29.51
N VAL D 108 17.64 6.84 28.57
CA VAL D 108 17.83 6.54 27.16
C VAL D 108 18.00 7.84 26.38
N ALA D 109 19.05 7.89 25.55
CA ALA D 109 19.25 8.99 24.62
C ALA D 109 19.35 8.43 23.21
N GLY D 110 18.58 8.99 22.29
CA GLY D 110 18.59 8.55 20.90
C GLY D 110 18.62 9.71 19.93
N ASN D 111 19.37 9.55 18.86
CA ASN D 111 19.59 10.58 17.85
C ASN D 111 18.74 10.29 16.61
N SER D 112 17.91 11.27 16.23
CA SER D 112 17.04 11.21 15.05
C SER D 112 16.15 9.97 15.10
N SER D 113 16.32 9.00 14.19
CA SER D 113 15.48 7.81 14.28
C SER D 113 15.70 7.09 15.62
N GLY D 114 16.92 7.16 16.16
CA GLY D 114 17.15 6.64 17.50
C GLY D 114 16.36 7.38 18.54
N GLY D 115 16.08 8.67 18.31
CA GLY D 115 15.25 9.44 19.21
C GLY D 115 13.78 9.14 19.08
N VAL D 116 13.31 8.83 17.87
CA VAL D 116 11.99 8.26 17.72
C VAL D 116 11.86 7.00 18.55
N LEU D 117 12.89 6.15 18.52
CA LEU D 117 12.86 4.92 19.29
C LEU D 117 12.98 5.19 20.79
N ALA D 118 13.70 6.24 21.17
CA ALA D 118 13.71 6.63 22.58
C ALA D 118 12.31 6.96 23.06
N ALA D 119 11.54 7.69 22.26
CA ALA D 119 10.15 7.96 22.60
C ALA D 119 9.32 6.69 22.56
N TRP D 120 9.60 5.80 21.60
CA TRP D 120 8.93 4.51 21.55
C TRP D 120 9.07 3.77 22.88
N LEU D 121 10.29 3.74 23.42
CA LEU D 121 10.52 3.05 24.69
C LEU D 121 9.82 3.76 25.85
N SER D 122 9.80 5.09 25.82
CA SER D 122 9.07 5.84 26.84
C SER D 122 7.62 5.40 26.92
N ALA D 123 6.98 5.20 25.76
CA ALA D 123 5.58 4.82 25.74
C ALA D 123 5.39 3.31 25.88
N TYR D 124 6.29 2.51 25.29
CA TYR D 124 5.99 1.11 25.03
C TYR D 124 6.96 0.10 25.62
N SER D 125 7.93 0.53 26.43
CA SER D 125 8.79 -0.43 27.13
C SER D 125 7.98 -1.24 28.14
N MET D 126 8.62 -2.25 28.74
CA MET D 126 7.99 -2.89 29.89
C MET D 126 8.02 -1.94 31.08
N PRO D 127 7.11 -2.12 32.04
CA PRO D 127 6.97 -1.12 33.11
C PRO D 127 8.25 -0.96 33.91
N GLY D 128 8.58 0.29 34.22
CA GLY D 128 9.70 0.60 35.07
C GLY D 128 11.06 0.48 34.43
N GLN D 129 11.14 0.15 33.14
CA GLN D 129 12.44 -0.02 32.52
C GLN D 129 13.18 1.31 32.38
N LEU D 130 12.46 2.40 32.22
CA LEU D 130 13.06 3.69 31.89
C LEU D 130 12.82 4.72 32.98
N ARG D 131 13.81 5.59 33.16
CA ARG D 131 13.69 6.74 34.03
C ARG D 131 13.37 8.02 33.27
N GLY D 132 13.72 8.07 31.99
CA GLY D 132 13.49 9.24 31.16
C GLY D 132 14.23 9.04 29.85
N VAL D 133 13.89 9.88 28.88
CA VAL D 133 14.48 9.76 27.56
C VAL D 133 14.88 11.15 27.03
N LEU D 134 16.02 11.18 26.34
CA LEU D 134 16.47 12.32 25.56
C LEU D 134 16.27 11.98 24.09
N CYS D 135 15.48 12.78 23.40
CA CYS D 135 15.25 12.63 21.96
C CYS D 135 16.04 13.73 21.28
N GLU D 136 17.17 13.35 20.69
CA GLU D 136 18.11 14.30 20.09
C GLU D 136 17.74 14.52 18.63
N ASP D 137 17.18 15.69 18.34
CA ASP D 137 16.75 16.06 17.00
C ASP D 137 15.91 14.95 16.34
N PRO D 138 14.79 14.59 16.94
CA PRO D 138 14.00 13.46 16.43
C PRO D 138 13.07 13.88 15.31
N PRO D 139 13.01 13.12 14.21
CA PRO D 139 12.05 13.47 13.14
C PRO D 139 10.65 12.96 13.45
N PHE D 140 10.06 13.50 14.52
CA PHE D 140 8.64 13.24 14.78
C PHE D 140 7.81 13.76 13.60
N PHE D 141 6.92 12.89 13.11
CA PHE D 141 6.05 13.16 11.95
C PHE D 141 6.83 13.21 10.64
N ALA D 142 7.94 13.96 10.60
CA ALA D 142 8.65 14.16 9.35
C ALA D 142 9.29 12.89 8.79
N SER D 143 9.45 11.85 9.60
CA SER D 143 9.96 10.57 9.09
C SER D 143 8.83 9.62 8.70
N GLU D 144 7.58 10.06 8.82
CA GLU D 144 6.41 9.26 8.45
C GLU D 144 6.01 9.54 7.02
N LEU D 145 5.42 8.54 6.37
CA LEU D 145 4.90 8.74 5.02
C LEU D 145 3.60 9.53 5.05
N VAL D 146 2.76 9.29 6.04
CA VAL D 146 1.47 9.97 6.18
C VAL D 146 1.36 10.56 7.59
N PRO D 147 2.06 11.65 7.89
CA PRO D 147 2.00 12.19 9.25
C PRO D 147 0.68 12.89 9.54
N ALA D 148 0.34 12.92 10.83
CA ALA D 148 -0.80 13.70 11.28
C ALA D 148 -0.54 15.20 11.12
N HIS D 149 0.73 15.62 11.14
CA HIS D 149 1.09 17.03 11.17
C HIS D 149 2.32 17.30 10.31
N GLY D 150 2.23 18.34 9.46
CA GLY D 150 3.41 18.87 8.81
C GLY D 150 3.92 18.04 7.65
N HIS D 151 5.21 18.25 7.35
CA HIS D 151 5.86 17.64 6.21
C HIS D 151 5.96 16.12 6.35
N SER D 152 5.79 15.41 5.23
CA SER D 152 6.03 13.98 5.20
C SER D 152 7.50 13.69 4.90
N VAL D 153 7.88 12.41 5.05
CA VAL D 153 9.25 11.99 4.76
C VAL D 153 9.62 12.30 3.32
N ARG D 154 8.64 12.32 2.41
CA ARG D 154 8.90 12.59 1.01
C ARG D 154 9.30 14.04 0.78
N GLN D 155 8.96 14.94 1.71
CA GLN D 155 9.36 16.32 1.68
C GLN D 155 10.47 16.63 2.67
N GLY D 156 11.11 15.60 3.23
CA GLY D 156 12.22 15.77 4.14
C GLY D 156 13.43 14.97 3.72
N ALA D 157 13.74 13.90 4.44
CA ALA D 157 14.89 13.07 4.13
C ALA D 157 14.61 12.04 3.05
N GLY D 158 13.36 11.97 2.57
CA GLY D 158 13.01 10.99 1.56
C GLY D 158 13.88 10.98 0.33
N PRO D 159 14.27 12.15 -0.20
CA PRO D 159 15.17 12.15 -1.37
C PRO D 159 16.45 11.37 -1.14
N VAL D 160 17.03 11.47 0.06
CA VAL D 160 18.20 10.66 0.38
C VAL D 160 17.84 9.18 0.35
N PHE D 161 16.72 8.84 1.01
CA PHE D 161 16.35 7.43 1.14
C PHE D 161 16.07 6.80 -0.22
N GLU D 162 15.46 7.53 -1.16
N GLU D 162 15.46 7.57 -1.14
CA GLU D 162 15.25 6.91 -2.47
CA GLU D 162 15.22 7.08 -2.49
C GLU D 162 16.58 6.62 -3.15
C GLU D 162 16.54 6.69 -3.17
N LEU D 163 17.58 7.49 -2.96
CA LEU D 163 18.89 7.21 -3.57
C LEU D 163 19.53 5.99 -2.95
N PHE D 164 19.44 5.85 -1.63
CA PHE D 164 19.94 4.64 -0.97
C PHE D 164 19.21 3.40 -1.49
N ARG D 165 17.88 3.48 -1.57
CA ARG D 165 17.08 2.35 -2.01
C ARG D 165 17.45 1.94 -3.43
N THR D 166 17.68 2.91 -4.31
CA THR D 166 17.87 2.61 -5.72
C THR D 166 19.31 2.20 -6.01
N TYR D 167 20.29 2.92 -5.49
CA TYR D 167 21.66 2.69 -5.91
C TYR D 167 22.46 1.82 -4.95
N LEU D 168 22.08 1.74 -3.68
CA LEU D 168 22.74 0.84 -2.75
C LEU D 168 21.98 -0.48 -2.59
N GLY D 169 20.70 -0.42 -2.29
CA GLY D 169 19.84 -1.59 -2.31
C GLY D 169 19.83 -2.37 -1.01
N ASP D 170 18.82 -3.23 -0.89
CA ASP D 170 18.69 -4.09 0.29
C ASP D 170 19.96 -4.90 0.50
N GLN D 171 20.49 -4.87 1.72
CA GLN D 171 21.69 -5.61 2.09
C GLN D 171 22.84 -5.33 1.12
N TRP D 172 22.87 -4.12 0.57
CA TRP D 172 23.90 -3.70 -0.39
C TRP D 172 23.90 -4.59 -1.64
N SER D 173 22.74 -5.13 -2.01
CA SER D 173 22.67 -6.01 -3.17
C SER D 173 22.98 -5.29 -4.47
N VAL D 174 22.79 -3.98 -4.55
CA VAL D 174 23.11 -3.24 -5.77
C VAL D 174 24.53 -2.68 -5.64
N GLY D 175 24.74 -1.84 -4.64
CA GLY D 175 26.08 -1.37 -4.34
C GLY D 175 26.71 -0.53 -5.43
N ASP D 176 25.92 0.33 -6.08
CA ASP D 176 26.41 1.18 -7.16
C ASP D 176 26.78 2.54 -6.59
N TRP D 177 27.95 2.59 -5.96
CA TRP D 177 28.37 3.82 -5.30
C TRP D 177 28.59 4.95 -6.30
N GLU D 178 29.14 4.64 -7.48
CA GLU D 178 29.35 5.69 -8.47
C GLU D 178 28.03 6.23 -8.98
N GLY D 179 27.05 5.34 -9.19
CA GLY D 179 25.72 5.79 -9.59
C GLY D 179 25.02 6.57 -8.50
N PHE D 180 25.26 6.21 -7.24
CA PHE D 180 24.70 6.99 -6.14
C PHE D 180 25.30 8.38 -6.10
N CYS D 181 26.63 8.48 -6.21
CA CYS D 181 27.30 9.77 -6.11
C CYS D 181 26.89 10.69 -7.26
N ARG D 182 26.78 10.13 -8.46
CA ARG D 182 26.30 10.92 -9.60
C ARG D 182 24.91 11.48 -9.34
N ALA D 183 23.99 10.63 -8.86
CA ALA D 183 22.62 11.08 -8.63
C ALA D 183 22.55 12.04 -7.45
N ALA D 184 23.27 11.72 -6.36
CA ALA D 184 23.27 12.59 -5.20
C ALA D 184 23.83 13.97 -5.53
N GLY D 185 24.86 14.00 -6.40
CA GLY D 185 25.41 15.27 -6.80
C GLY D 185 24.41 16.17 -7.50
N ALA D 186 23.45 15.57 -8.21
CA ALA D 186 22.42 16.31 -8.93
C ALA D 186 21.14 16.47 -8.13
N SER D 187 21.14 16.11 -6.85
CA SER D 187 19.94 16.17 -6.05
C SER D 187 19.67 17.57 -5.52
N ALA D 188 18.40 17.95 -5.45
CA ALA D 188 18.01 19.22 -4.86
C ALA D 188 18.17 19.21 -3.35
N SER D 189 18.24 18.04 -2.73
CA SER D 189 18.39 17.94 -1.29
C SER D 189 19.84 18.20 -0.89
N PRO D 190 20.12 19.22 -0.07
CA PRO D 190 21.51 19.41 0.40
C PRO D 190 22.06 18.21 1.15
N MET D 191 21.23 17.53 1.93
CA MET D 191 21.70 16.36 2.66
C MET D 191 22.17 15.27 1.70
N ALA D 192 21.47 15.09 0.59
CA ALA D 192 21.90 14.10 -0.40
C ALA D 192 23.26 14.46 -0.99
N ARG D 193 23.42 15.72 -1.39
CA ARG D 193 24.68 16.15 -1.97
C ARG D 193 25.86 15.99 -1.01
N SER D 194 25.58 15.93 0.29
CA SER D 194 26.65 15.83 1.28
C SER D 194 27.30 14.45 1.32
N PHE D 195 26.70 13.44 0.71
CA PHE D 195 27.26 12.10 0.72
C PHE D 195 28.23 11.85 -0.43
N VAL D 196 28.30 12.76 -1.42
CA VAL D 196 29.21 12.58 -2.54
C VAL D 196 30.64 12.50 -2.01
N ALA D 197 31.28 11.36 -2.20
CA ALA D 197 32.65 11.15 -1.77
C ALA D 197 33.26 10.04 -2.60
N ASP D 198 34.59 10.05 -2.70
CA ASP D 198 35.25 9.03 -3.50
C ASP D 198 35.03 7.63 -2.91
N GLY D 199 35.16 7.49 -1.59
CA GLY D 199 34.98 6.22 -0.92
C GLY D 199 33.75 6.26 -0.03
N ILE D 200 33.34 5.05 0.36
CA ILE D 200 32.13 4.87 1.19
C ILE D 200 32.47 5.12 2.65
N PRO D 201 31.82 6.08 3.32
CA PRO D 201 32.10 6.27 4.75
C PRO D 201 31.99 4.96 5.54
N GLN D 202 32.77 4.87 6.60
CA GLN D 202 32.81 3.63 7.39
C GLN D 202 31.44 3.29 7.96
N HIS D 203 30.74 4.28 8.53
CA HIS D 203 29.44 3.98 9.15
C HIS D 203 28.46 3.47 8.12
N LEU D 204 28.51 4.00 6.90
CA LEU D 204 27.58 3.56 5.86
C LEU D 204 27.93 2.17 5.34
N GLN D 205 29.20 1.78 5.39
CA GLN D 205 29.58 0.43 4.99
C GLN D 205 28.94 -0.63 5.90
N GLU D 206 28.66 -0.27 7.13
CA GLU D 206 28.09 -1.19 8.12
C GLU D 206 26.58 -1.20 8.11
N TYR D 207 25.95 -0.40 7.25
CA TYR D 207 24.52 -0.13 7.26
C TYR D 207 23.80 -0.96 6.23
N ASP D 208 22.63 -1.49 6.63
CA ASP D 208 21.77 -2.22 5.70
C ASP D 208 20.80 -1.23 5.06
N PRO D 209 20.93 -0.93 3.76
CA PRO D 209 20.08 0.09 3.14
C PRO D 209 18.60 -0.30 3.04
N GLU D 210 18.20 -1.53 3.38
CA GLU D 210 16.77 -1.79 3.51
C GLU D 210 16.13 -0.85 4.54
N TRP D 211 16.93 -0.34 5.49
CA TRP D 211 16.49 0.73 6.37
C TRP D 211 15.86 1.87 5.58
N ALA D 212 16.60 2.39 4.59
CA ALA D 212 16.09 3.50 3.79
C ALA D 212 14.82 3.12 3.06
N ARG D 213 14.70 1.86 2.64
CA ARG D 213 13.49 1.43 1.94
C ARG D 213 12.26 1.57 2.83
N VAL D 214 12.32 1.04 4.05
CA VAL D 214 11.12 0.99 4.88
C VAL D 214 10.69 2.37 5.33
N PHE D 215 11.64 3.32 5.43
CA PHE D 215 11.25 4.69 5.71
C PHE D 215 10.65 5.34 4.47
N TYR D 216 11.28 5.17 3.30
CA TYR D 216 10.77 5.78 2.07
C TYR D 216 9.38 5.26 1.73
N GLU D 217 9.15 3.96 1.90
CA GLU D 217 7.90 3.33 1.50
C GLU D 217 6.81 3.41 2.57
N GLY D 218 7.11 3.94 3.76
CA GLY D 218 6.11 4.09 4.78
C GLY D 218 5.74 2.82 5.52
N THR D 219 6.56 1.78 5.43
CA THR D 219 6.24 0.52 6.09
C THR D 219 6.82 0.44 7.50
N VAL D 220 7.90 1.17 7.77
CA VAL D 220 8.58 1.03 9.05
C VAL D 220 7.68 1.42 10.21
N GLY D 221 6.77 2.37 10.00
CA GLY D 221 5.93 2.84 11.09
C GLY D 221 4.45 2.63 10.82
N LEU D 222 4.14 1.74 9.88
CA LEU D 222 2.75 1.56 9.47
C LEU D 222 1.86 1.19 10.65
N SER D 223 2.36 0.32 11.54
CA SER D 223 1.62 -0.12 12.72
C SER D 223 2.00 0.65 13.98
N CYS D 224 2.62 1.82 13.81
CA CYS D 224 3.11 2.61 14.94
C CYS D 224 3.06 4.09 14.58
N PRO D 225 1.84 4.64 14.45
CA PRO D 225 1.72 6.07 14.15
C PRO D 225 2.30 6.92 15.27
N HIS D 226 2.98 8.01 14.89
CA HIS D 226 3.70 8.78 15.89
C HIS D 226 2.75 9.44 16.89
N GLU D 227 1.57 9.87 16.44
CA GLU D 227 0.71 10.59 17.37
C GLU D 227 0.25 9.69 18.51
N ARG D 228 0.04 8.40 18.25
CA ARG D 228 -0.37 7.50 19.31
C ARG D 228 0.79 7.19 20.24
N MET D 229 2.00 7.13 19.70
CA MET D 229 3.19 6.89 20.52
C MET D 229 3.49 8.10 21.39
N LEU D 230 3.47 9.29 20.79
CA LEU D 230 3.76 10.50 21.56
C LEU D 230 2.72 10.75 22.64
N GLY D 231 1.47 10.42 22.36
CA GLY D 231 0.38 10.58 23.33
C GLY D 231 0.34 9.56 24.44
N GLN D 232 1.26 8.58 24.43
CA GLN D 232 1.31 7.57 25.47
C GLN D 232 2.68 7.47 26.14
N VAL D 233 3.55 8.47 25.96
CA VAL D 233 4.82 8.46 26.67
C VAL D 233 4.56 8.47 28.17
N LYS D 234 5.46 7.85 28.93
CA LYS D 234 5.26 7.59 30.35
C LYS D 234 6.43 8.02 31.21
N THR D 235 7.47 8.62 30.63
CA THR D 235 8.64 9.08 31.36
C THR D 235 8.86 10.55 31.04
N PRO D 236 9.61 11.25 31.89
CA PRO D 236 10.12 12.57 31.47
C PRO D 236 10.81 12.48 30.12
N VAL D 237 10.65 13.53 29.33
CA VAL D 237 11.24 13.63 28.00
C VAL D 237 12.00 14.93 27.87
N LEU D 238 13.21 14.87 27.32
CA LEU D 238 13.95 16.05 26.86
C LEU D 238 14.04 15.97 25.34
N LEU D 239 13.47 16.97 24.67
CA LEU D 239 13.47 17.07 23.21
C LEU D 239 14.45 18.18 22.81
N THR D 240 15.54 17.82 22.15
CA THR D 240 16.45 18.81 21.59
C THR D 240 16.13 18.98 20.11
N HIS D 241 16.08 20.23 19.67
CA HIS D 241 15.64 20.60 18.32
C HIS D 241 16.76 21.43 17.70
N HIS D 242 17.42 20.86 16.70
CA HIS D 242 18.64 21.46 16.16
C HIS D 242 18.31 22.29 14.92
N MET D 243 19.24 22.37 13.97
CA MET D 243 18.99 23.17 12.77
C MET D 243 17.70 22.71 12.10
N ARG D 244 16.94 23.67 11.56
CA ARG D 244 15.81 23.34 10.72
C ARG D 244 15.44 24.56 9.89
N GLY D 245 14.80 24.30 8.75
CA GLY D 245 14.39 25.37 7.87
C GLY D 245 13.67 24.83 6.66
N ILE D 246 13.29 25.75 5.78
CA ILE D 246 12.59 25.44 4.54
C ILE D 246 13.50 25.80 3.37
N ASP D 247 13.64 24.89 2.43
CA ASP D 247 14.38 25.19 1.21
C ASP D 247 13.50 25.98 0.25
N PRO D 248 13.88 27.21 -0.11
CA PRO D 248 13.02 27.98 -1.04
C PRO D 248 12.80 27.31 -2.38
N GLU D 249 13.79 26.56 -2.87
CA GLU D 249 13.71 25.97 -4.21
C GLU D 249 12.63 24.91 -4.30
N THR D 250 12.38 24.18 -3.21
CA THR D 250 11.47 23.05 -3.22
C THR D 250 10.33 23.16 -2.23
N GLY D 251 10.46 24.00 -1.20
CA GLY D 251 9.56 23.95 -0.06
C GLY D 251 9.84 22.83 0.91
N ASN D 252 10.88 22.03 0.67
CA ASN D 252 11.13 20.87 1.50
C ASN D 252 11.71 21.29 2.85
N LEU D 253 11.52 20.41 3.83
CA LEU D 253 12.04 20.63 5.17
C LEU D 253 13.52 20.29 5.21
N LEU D 254 14.31 21.20 5.78
CA LEU D 254 15.69 20.95 6.14
C LEU D 254 15.75 20.69 7.64
N GLY D 255 16.49 19.66 8.02
CA GLY D 255 16.56 19.27 9.43
C GLY D 255 15.63 18.12 9.75
N ALA D 256 15.48 17.86 11.04
CA ALA D 256 14.76 16.68 11.51
C ALA D 256 13.25 16.91 11.53
N LEU D 257 12.81 18.05 12.06
CA LEU D 257 11.38 18.33 12.12
C LEU D 257 11.17 19.84 12.15
N SER D 258 10.00 20.26 11.70
CA SER D 258 9.65 21.67 11.67
C SER D 258 9.28 22.17 13.06
N ASP D 259 9.23 23.48 13.21
CA ASP D 259 8.74 24.05 14.46
C ASP D 259 7.30 23.64 14.71
N GLU D 260 6.48 23.58 13.66
CA GLU D 260 5.11 23.13 13.81
C GLU D 260 5.06 21.69 14.31
N GLN D 261 5.88 20.80 13.74
CA GLN D 261 5.88 19.41 14.17
C GLN D 261 6.41 19.26 15.59
N ALA D 262 7.40 20.07 15.99
CA ALA D 262 7.86 20.03 17.37
C ALA D 262 6.76 20.47 18.32
N LEU D 263 6.02 21.53 17.94
CA LEU D 263 4.91 22.01 18.76
C LEU D 263 3.85 20.92 18.96
N ARG D 264 3.44 20.28 17.87
CA ARG D 264 2.38 19.28 17.97
C ARG D 264 2.84 18.05 18.74
N ALA D 265 4.11 17.68 18.56
CA ALA D 265 4.67 16.56 19.33
C ALA D 265 4.73 16.88 20.82
N ARG D 266 5.14 18.10 21.17
CA ARG D 266 5.21 18.46 22.58
C ARG D 266 3.82 18.46 23.20
N ARG D 267 2.81 18.94 22.45
CA ARG D 267 1.45 18.97 22.98
C ARG D 267 0.95 17.56 23.27
N LEU D 268 1.24 16.61 22.38
CA LEU D 268 0.82 15.23 22.60
C LEU D 268 1.54 14.65 23.81
N MET D 269 2.84 14.90 23.94
CA MET D 269 3.59 14.36 25.08
C MET D 269 3.14 15.00 26.38
N ASP D 270 2.79 16.28 26.34
CA ASP D 270 2.25 16.94 27.54
C ASP D 270 0.89 16.36 27.91
N SER D 271 0.03 16.12 26.90
CA SER D 271 -1.28 15.53 27.18
C SER D 271 -1.15 14.14 27.80
N ALA D 272 -0.03 13.45 27.54
CA ALA D 272 0.21 12.16 28.18
C ALA D 272 0.57 12.31 29.64
N GLY D 273 0.83 13.53 30.11
CA GLY D 273 1.03 13.82 31.52
C GLY D 273 2.46 13.92 31.98
N VAL D 274 3.43 13.82 31.07
CA VAL D 274 4.83 13.78 31.46
C VAL D 274 5.43 15.18 31.36
N THR D 275 6.57 15.35 32.02
CA THR D 275 7.33 16.60 31.92
C THR D 275 8.17 16.56 30.66
N VAL D 276 7.91 17.48 29.75
CA VAL D 276 8.64 17.60 28.49
C VAL D 276 9.49 18.85 28.56
N ASP D 277 10.81 18.67 28.51
CA ASP D 277 11.75 19.77 28.37
C ASP D 277 12.15 19.91 26.91
N TYR D 278 12.18 21.15 26.43
CA TYR D 278 12.45 21.46 25.04
C TYR D 278 13.66 22.38 24.99
N GLU D 279 14.75 21.91 24.39
CA GLU D 279 15.97 22.68 24.21
C GLU D 279 16.15 22.94 22.72
N SER D 280 16.01 24.19 22.31
CA SER D 280 16.17 24.58 20.92
C SER D 280 17.60 25.08 20.70
N VAL D 281 18.34 24.39 19.84
CA VAL D 281 19.73 24.71 19.52
C VAL D 281 19.82 24.85 18.01
N PRO D 282 19.30 25.94 17.44
CA PRO D 282 19.15 26.03 15.98
C PRO D 282 20.46 26.13 15.22
N ASP D 283 21.60 26.24 15.90
N ASP D 283 21.60 26.23 15.91
CA ASP D 283 22.90 26.30 15.23
CA ASP D 283 22.90 26.33 15.26
C ASP D 283 23.55 24.94 15.06
C ASP D 283 23.73 25.04 15.41
N ALA D 284 23.10 23.94 15.81
CA ALA D 284 23.78 22.67 15.89
C ALA D 284 23.39 21.74 14.75
N SER D 285 24.34 20.89 14.35
CA SER D 285 24.04 19.85 13.37
C SER D 285 23.17 18.78 14.02
N TYR D 286 22.54 17.96 13.20
CA TYR D 286 21.58 17.00 13.76
C TYR D 286 22.28 16.00 14.67
N MET D 287 23.57 15.71 14.41
CA MET D 287 24.32 14.78 15.24
C MET D 287 25.21 15.55 16.22
N MET D 288 24.57 16.24 17.16
CA MET D 288 25.33 17.05 18.09
C MET D 288 26.21 16.21 19.00
N HIS D 289 25.77 14.98 19.33
CA HIS D 289 26.59 14.16 20.22
C HIS D 289 27.95 13.87 19.61
N GLN D 290 28.08 14.02 18.29
CA GLN D 290 29.31 13.76 17.57
C GLN D 290 30.00 15.03 17.11
N SER D 291 29.24 16.06 16.73
CA SER D 291 29.84 17.30 16.27
C SER D 291 30.25 18.21 17.44
N ALA D 292 29.54 18.11 18.58
CA ALA D 292 29.83 18.93 19.76
C ALA D 292 29.60 18.08 21.00
N PRO D 293 30.48 17.10 21.24
CA PRO D 293 30.21 16.14 22.33
C PRO D 293 30.03 16.79 23.70
N ALA D 294 30.91 17.73 24.06
CA ALA D 294 30.83 18.34 25.39
C ALA D 294 29.51 19.07 25.57
N ARG D 295 29.08 19.85 24.57
CA ARG D 295 27.80 20.54 24.65
C ARG D 295 26.66 19.54 24.83
N TYR D 296 26.69 18.44 24.06
CA TYR D 296 25.67 17.41 24.19
C TYR D 296 25.64 16.82 25.59
N VAL D 297 26.81 16.43 26.11
CA VAL D 297 26.88 15.80 27.42
C VAL D 297 26.44 16.77 28.51
N GLU D 298 26.74 18.06 28.34
CA GLU D 298 26.29 19.05 29.32
C GLU D 298 24.77 19.11 29.36
N ILE D 299 24.13 19.24 28.20
CA ILE D 299 22.67 19.23 28.14
C ILE D 299 22.13 17.94 28.75
N PHE D 300 22.71 16.80 28.38
CA PHE D 300 22.24 15.52 28.91
C PHE D 300 22.39 15.44 30.41
N THR D 301 23.59 15.76 30.92
CA THR D 301 23.86 15.57 32.34
C THR D 301 23.04 16.54 33.18
N ARG D 302 22.97 17.81 32.76
CA ARG D 302 22.12 18.79 33.42
C ARG D 302 20.72 18.23 33.67
N TRP D 303 20.11 17.66 32.63
CA TRP D 303 18.73 17.18 32.72
C TRP D 303 18.65 15.87 33.49
N ALA D 304 19.52 14.91 33.16
CA ALA D 304 19.50 13.62 33.84
C ALA D 304 19.67 13.77 35.34
N ALA D 305 20.50 14.74 35.77
CA ALA D 305 20.75 14.90 37.19
C ALA D 305 19.48 15.19 37.97
N ALA D 306 18.49 15.84 37.32
CA ALA D 306 17.28 16.27 38.00
C ALA D 306 16.20 15.18 38.08
N LEU D 307 16.45 14.01 37.50
CA LEU D 307 15.45 12.96 37.51
C LEU D 307 15.36 12.32 38.90
N ALA D 308 14.15 11.89 39.26
CA ALA D 308 13.93 11.19 40.52
C ALA D 308 14.79 9.94 40.60
C1 ZGR E . -12.68 18.24 -2.63
C2 ZGR E . -12.19 16.98 -2.93
C3 ZGR E . -11.03 16.50 -2.34
O2 ZGR E . -12.86 16.19 -3.86
C4 ZGR E . -10.36 17.29 -1.43
O4 ZGR E . -9.18 16.82 -0.83
C5 ZGR E . -10.84 18.55 -1.12
C6 ZGR E . -12.01 19.03 -1.69
O6P ZGR E . -13.41 20.57 2.32
C6P ZGR E . -14.23 20.90 1.53
C7P ZGR E . -15.04 19.87 0.75
C8P ZGR E . -14.74 18.46 1.26
C9P ZGR E . -15.14 17.43 0.21
C10 ZGR E . -16.63 17.05 0.30
O10 ZGR E . -17.32 17.95 1.11
C11 ZGR E . -16.74 15.63 0.88
C5P ZGR E . -14.46 22.39 1.31
C4P ZGR E . -13.77 22.81 0.00
C3P ZGR E . -12.27 22.53 0.09
C2P ZGR E . -11.88 21.10 -0.34
C1P ZGR E . -12.49 20.45 -1.31
C12 ZGR E . -13.86 18.62 -3.26
O13 ZGR E . -14.14 18.24 -4.42
O12 ZGR E . -14.71 19.30 -2.63
H1 ZGR E . -10.71 15.66 -2.56
H2 ZGR E . -12.35 15.57 -4.13
H3 ZGR E . -9.20 15.96 -0.83
H4 ZGR E . -10.38 19.08 -0.52
H5 ZGR E . -14.80 19.92 -0.20
H6 ZGR E . -15.98 20.06 0.86
H7 ZGR E . -15.25 18.31 2.07
H8 ZGR E . -13.79 18.38 1.44
H9 ZGR E . -14.96 17.78 -0.67
H10 ZGR E . -14.60 16.63 0.34
H11 ZGR E . -17.01 17.09 -0.59
H12 ZGR E . -17.80 18.45 0.61
H13 ZGR E . -16.54 14.99 0.19
H14 ZGR E . -17.65 15.50 1.19
H15 ZGR E . -16.13 15.54 1.62
H16 ZGR E . -14.10 22.90 2.05
H17 ZGR E . -15.42 22.57 1.24
H18 ZGR E . -14.16 22.32 -0.73
H19 ZGR E . -13.91 23.77 -0.14
H20 ZGR E . -11.99 22.65 1.02
H21 ZGR E . -11.81 23.16 -0.48
H22 ZGR E . -11.18 20.68 0.10
H23 ZGR E . -13.20 20.84 -1.76
C1 ZGR F . 3.47 -11.28 -18.66
C2 ZGR F . 3.22 -10.17 -17.87
C3 ZGR F . 2.87 -10.31 -16.54
O2 ZGR F . 3.33 -8.88 -18.40
C4 ZGR F . 2.76 -11.58 -16.00
O4 ZGR F . 2.40 -11.68 -14.65
C5 ZGR F . 3.00 -12.69 -16.79
C6 ZGR F . 3.37 -12.55 -18.12
O6P ZGR F . 6.92 -15.53 -17.20
C6P ZGR F . 6.78 -15.04 -18.28
C7P ZGR F . 6.81 -13.54 -18.47
C8P ZGR F . 7.90 -12.86 -17.65
C9P ZGR F . 7.90 -11.37 -17.95
C10 ZGR F . 9.26 -10.96 -18.52
O10 ZGR F . 9.39 -9.57 -18.50
C11 ZGR F . 9.35 -11.46 -19.96
C5P ZGR F . 6.51 -15.94 -19.48
C4P ZGR F . 5.34 -16.88 -19.14
C3P ZGR F . 4.03 -16.18 -19.42
C2P ZGR F . 3.80 -14.99 -18.48
C1P ZGR F . 3.63 -13.79 -18.99
C12 ZGR F . 3.85 -11.04 -19.98
O13 ZGR F . 3.37 -10.08 -20.65
O12 ZGR F . 4.73 -11.77 -20.52
H1 ZGR F . 2.71 -9.56 -16.01
H2 ZGR F . 2.83 -8.37 -17.95
H3 ZGR F . 1.90 -12.35 -14.53
H4 ZGR F . 2.92 -13.54 -16.42
H5 ZGR F . 6.97 -13.34 -19.42
H6 ZGR F . 5.96 -13.16 -18.21
H7 ZGR F . 8.77 -13.24 -17.87
H8 ZGR F . 7.73 -13.02 -16.70
H9 ZGR F . 7.20 -11.16 -18.59
H10 ZGR F . 7.73 -10.87 -17.12
H11 ZGR F . 9.97 -11.36 -17.99
H12 ZGR F . 9.33 -9.29 -17.70
H13 ZGR F . 10.09 -12.08 -20.04
H14 ZGR F . 9.48 -10.71 -20.56
H15 ZGR F . 8.53 -11.92 -20.20
H16 ZGR F . 7.30 -16.46 -19.69
H17 ZGR F . 6.27 -15.40 -20.25
H18 ZGR F . 5.41 -17.68 -19.69
H19 ZGR F . 5.40 -17.13 -18.21
H20 ZGR F . 3.30 -16.81 -19.30
H21 ZGR F . 4.02 -15.85 -20.34
H22 ZGR F . 3.79 -15.11 -17.56
H23 ZGR F . 3.66 -13.68 -19.91
C1 ZGR G . -8.00 -17.48 11.45
C2 ZGR G . -7.39 -16.25 11.24
C3 ZGR G . -6.99 -15.85 9.98
O2 ZGR G . -7.15 -15.39 12.31
C4 ZGR G . -7.21 -16.68 8.89
O4 ZGR G . -6.81 -16.24 7.62
C5 ZGR G . -7.82 -17.90 9.08
C6 ZGR G . -8.23 -18.31 10.35
O6P ZGR G . -12.29 -19.35 8.48
C6P ZGR G . -12.30 -19.78 9.58
C7P ZGR G . -12.16 -18.88 10.80
C8P ZGR G . -11.62 -17.49 10.42
C9P ZGR G . -12.73 -16.46 10.61
C10 ZGR G . -12.82 -16.05 12.08
O10 ZGR G . -13.57 -16.98 12.80
C11 ZGR G . -13.52 -14.69 12.15
C5P ZGR G . -12.45 -21.28 9.79
C4P ZGR G . -11.29 -21.99 9.09
C3P ZGR G . -10.01 -21.74 9.89
C2P ZGR G . -9.39 -20.38 9.57
C1P ZGR G . -8.88 -19.68 10.55
C12 ZGR G . -8.39 -17.82 12.76
O13 ZGR G . -7.77 -17.39 13.77
O12 ZGR G . -9.41 -18.52 12.97
H1 ZGR G . -6.59 -15.03 9.85
H2 ZGR G . -6.49 -14.89 12.11
H3 ZGR G . -6.47 -16.88 7.19
H4 ZGR G . -7.97 -18.47 8.35
H5 ZGR G . -13.03 -18.77 11.22
H6 ZGR G . -11.55 -19.29 11.43
H7 ZGR G . -10.87 -17.28 10.99
H8 ZGR G . -11.34 -17.50 9.49
H9 ZGR G . -12.54 -15.69 10.07
H10 ZGR G . -13.58 -16.85 10.33
H11 ZGR G . -11.93 -16.00 12.45
H12 ZGR G . -14.34 -17.07 12.45
H13 ZGR G . -14.18 -14.62 11.46
H14 ZGR G . -13.95 -14.59 13.02
H15 ZGR G . -12.86 -13.99 12.05
H16 ZGR G . -13.29 -21.58 9.40
H17 ZGR G . -12.44 -21.48 10.74
H18 ZGR G . -11.18 -21.62 8.19
H19 ZGR G . -11.46 -22.93 9.04
H20 ZGR G . -9.37 -22.44 9.68
H21 ZGR G . -10.22 -21.77 10.83
H22 ZGR G . -9.37 -20.06 8.69
H23 ZGR G . -8.94 -20.03 11.42
C1 ZGR H . 16.72 10.44 10.21
C2 ZGR H . 15.85 9.39 9.95
C3 ZGR H . 14.65 9.60 9.28
O2 ZGR H . 16.20 8.11 10.37
C4 ZGR H . 14.32 10.89 8.87
O4 ZGR H . 13.12 11.10 8.18
C5 ZGR H . 15.19 11.94 9.11
C6 ZGR H . 16.40 11.73 9.78
O6P ZGR H . 18.06 14.37 6.72
C6P ZGR H . 18.98 14.10 7.43
C7P ZGR H . 19.60 12.72 7.42
C8P ZGR H . 18.63 11.68 6.87
C9P ZGR H . 19.24 10.29 7.09
C10 ZGR H . 20.52 10.14 6.27
O10 ZGR H . 20.57 8.85 5.72
C11 ZGR H . 21.75 10.33 7.15
C5P ZGR H . 19.57 15.17 8.36
C4P ZGR H . 18.45 15.98 8.98
C3P ZGR H . 17.96 15.27 10.23
C2P ZGR H . 16.97 14.16 9.89
C1P ZGR H . 17.33 12.89 10.07
C12 ZGR H . 17.91 10.12 10.87
O13 ZGR H . 17.94 9.17 11.70
O12 ZGR H . 18.99 10.73 10.64
H1 ZGR H . 14.08 8.89 9.11
H2 ZGR H . 15.75 7.54 9.95
H3 ZGR H . 12.69 11.74 8.53
H4 ZGR H . 14.96 12.79 8.84
H5 ZGR H . 20.39 12.73 6.86
H6 ZGR H . 19.84 12.48 8.33
H7 ZGR H . 18.49 11.82 5.92
H8 ZGR H . 17.79 11.73 7.34
H9 ZGR H . 19.45 10.17 8.04
H10 ZGR H . 18.60 9.60 6.81
H11 ZGR H . 20.51 10.81 5.58
H12 ZGR H . 19.93 8.76 5.17
H13 ZGR H . 22.46 10.74 6.62
H14 ZGR H . 21.53 10.92 7.90
H15 ZGR H . 22.05 9.47 7.48
H16 ZGR H . 20.15 15.75 7.85
H17 ZGR H . 20.08 14.73 9.05
H18 ZGR H . 17.71 16.06 8.36
H19 ZGR H . 18.77 16.86 9.22
H20 ZGR H . 18.74 14.87 10.68
H21 ZGR H . 17.54 15.91 10.83
H22 ZGR H . 16.12 14.36 9.57
H23 ZGR H . 18.20 12.71 10.38
#